data_5DJ9
#
_entry.id   5DJ9
#
_cell.length_a   56.258
_cell.length_b   60.887
_cell.length_c   63.499
_cell.angle_alpha   100.83
_cell.angle_beta   92.38
_cell.angle_gamma   107.86
#
_symmetry.space_group_name_H-M   'P 1'
#
loop_
_entity.id
_entity.type
_entity.pdbx_description
1 polymer 'Ornithine aminotransferase, mitochondrial'
2 non-polymer 'SULFATE ION'
3 non-polymer 2-[BIS-(2-HYDROXY-ETHYL)-AMINO]-2-HYDROXYMETHYL-PROPANE-1,3-DIOL
4 non-polymer '3-[O-PHOSPHONOPYRIDOXYL]--AMINO-BENZOIC ACID'
5 non-polymer 2-AMINO-2-HYDROXYMETHYL-PROPANE-1,3-DIOL
6 water water
#
_entity_poly.entity_id   1
_entity_poly.type   'polypeptide(L)'
_entity_poly.pdbx_seq_one_letter_code
;MATKSDGSASAAAEGGARKTNIEAYRDGLKLKTEEDFFACDRQYVCQNYAPVPVVISKGKGARVWDINGNEYYDFLAGVS
SLSQGHCHPRVIAALCRQAERLTLTLRAFGNDVTGPACRFMAEMFGYDRVLLMNTGAEAGESALKIARKWAYEVKEIPPD
SAKVILCNNNYWGRTITACSSSTTFDCYNNFGPFTPGFELIDYDDVGALEEALKDPNVAAFFVEPIQGEGGVNVPKPGYL
KRAHELCRSKNVLLIVDEIQTGLCRTGRLLAADHDEVHPDILLLGKSLSAGVVPISAVMGRADVMDVLKPGTHGSTFGGN
PLACAVAVEALTVLKDEKLADRAERLGAQFRDCLRRELYGKVPWIKEIRGRGLLNAVEVDSDAIDPNDVVMKLKENGILS
KPTRGRVMRFIPPLVITDEEHRDATTRIIKSFLAVEEERKK
;
_entity_poly.pdbx_strand_id   A,B
#
loop_
_chem_comp.id
_chem_comp.type
_chem_comp.name
_chem_comp.formula
BTB non-polymer 2-[BIS-(2-HYDROXY-ETHYL)-AMINO]-2-HYDROXYMETHYL-PROPANE-1,3-DIOL 'C8 H19 N O5'
PXG non-polymer '3-[O-PHOSPHONOPYRIDOXYL]--AMINO-BENZOIC ACID' 'C15 H17 N2 O7 P'
SO4 non-polymer 'SULFATE ION' 'O4 S -2'
TRS non-polymer 2-AMINO-2-HYDROXYMETHYL-PROPANE-1,3-DIOL 'C4 H12 N O3 1'
#
# COMPACT_ATOMS: atom_id res chain seq x y z
N LYS A 19 29.68 2.26 1.76
CA LYS A 19 28.51 1.67 2.52
C LYS A 19 27.28 2.58 2.56
N THR A 20 26.10 1.99 2.38
CA THR A 20 24.85 2.77 2.49
C THR A 20 24.43 2.81 3.96
N ASN A 21 23.46 3.65 4.31
CA ASN A 21 23.15 3.89 5.71
C ASN A 21 22.67 2.64 6.44
N ILE A 22 21.87 1.81 5.79
CA ILE A 22 21.39 0.58 6.45
C ILE A 22 22.57 -0.34 6.77
N GLU A 23 23.51 -0.41 5.85
CA GLU A 23 24.67 -1.28 6.02
C GLU A 23 25.52 -0.79 7.19
N ALA A 24 25.83 0.49 7.17
CA ALA A 24 26.64 1.09 8.23
C ALA A 24 25.96 1.00 9.58
N TYR A 25 24.66 1.27 9.61
CA TYR A 25 23.93 1.19 10.89
C TYR A 25 23.93 -0.23 11.42
N ARG A 26 23.61 -1.17 10.56
CA ARG A 26 23.59 -2.56 10.94
C ARG A 26 24.96 -3.03 11.43
N ASP A 27 26.05 -2.61 10.75
CA ASP A 27 27.42 -2.95 11.21
C ASP A 27 27.68 -2.50 12.63
N GLY A 28 27.18 -1.32 12.99
CA GLY A 28 27.35 -0.78 14.33
C GLY A 28 26.62 -1.56 15.42
N LEU A 29 25.60 -2.31 15.05
CA LEU A 29 24.81 -3.13 16.00
C LEU A 29 25.47 -4.46 16.37
N LYS A 30 26.49 -4.84 15.61
CA LYS A 30 27.29 -6.02 15.89
C LYS A 30 26.39 -7.23 16.07
N LEU A 31 25.54 -7.44 15.06
CA LEU A 31 24.64 -8.60 15.00
C LEU A 31 25.35 -9.71 14.24
N LYS A 32 25.87 -10.68 14.99
CA LYS A 32 26.72 -11.74 14.45
C LYS A 32 25.90 -13.00 14.11
N THR A 33 25.06 -13.42 15.04
CA THR A 33 24.33 -14.68 14.94
C THR A 33 22.88 -14.50 14.53
N GLU A 34 22.24 -15.61 14.18
CA GLU A 34 20.81 -15.60 13.91
C GLU A 34 20.05 -15.14 15.15
N GLU A 35 20.46 -15.61 16.31
CA GLU A 35 19.83 -15.17 17.56
C GLU A 35 19.94 -13.66 17.82
N ASP A 36 21.06 -13.05 17.42
CA ASP A 36 21.18 -11.58 17.53
C ASP A 36 20.07 -10.87 16.75
N PHE A 37 19.82 -11.36 15.54
CA PHE A 37 18.72 -10.83 14.74
C PHE A 37 17.35 -11.13 15.33
N PHE A 38 17.12 -12.35 15.87
CA PHE A 38 15.83 -12.64 16.43
C PHE A 38 15.54 -11.72 17.61
N ALA A 39 16.57 -11.48 18.41
CA ALA A 39 16.41 -10.60 19.57
C ALA A 39 16.12 -9.14 19.15
N CYS A 40 16.77 -8.66 18.10
CA CYS A 40 16.53 -7.31 17.59
C CYS A 40 15.06 -7.18 17.11
N ASP A 41 14.61 -8.19 16.38
CA ASP A 41 13.24 -8.26 15.96
C ASP A 41 12.25 -8.24 17.15
N ARG A 42 12.49 -9.07 18.19
CA ARG A 42 11.63 -9.05 19.36
C ARG A 42 11.55 -7.70 20.11
N GLN A 43 12.64 -6.93 20.10
CA GLN A 43 12.71 -5.69 20.84
C GLN A 43 12.07 -4.53 20.09
N TYR A 44 12.25 -4.45 18.76
CA TYR A 44 11.89 -3.24 18.02
C TYR A 44 10.78 -3.38 16.98
N VAL A 45 10.49 -4.60 16.56
CA VAL A 45 9.51 -4.81 15.48
C VAL A 45 8.20 -5.21 16.14
N CYS A 46 7.11 -4.60 15.71
CA CYS A 46 5.76 -4.98 16.18
C CYS A 46 5.60 -6.47 15.99
N GLN A 47 5.16 -7.19 17.03
CA GLN A 47 5.24 -8.65 17.08
C GLN A 47 4.01 -9.38 16.54
N ASN A 48 3.53 -8.91 15.38
CA ASN A 48 2.36 -9.51 14.72
C ASN A 48 2.62 -10.68 13.79
N TYR A 49 3.87 -11.15 13.71
CA TYR A 49 4.20 -12.39 13.02
C TYR A 49 4.85 -13.33 14.03
N ALA A 50 4.70 -14.60 13.77
CA ALA A 50 5.29 -15.62 14.60
C ALA A 50 6.80 -15.64 14.41
N PRO A 51 7.48 -16.28 15.36
CA PRO A 51 8.92 -16.45 15.19
C PRO A 51 9.30 -17.11 13.86
N VAL A 52 10.42 -16.66 13.35
CA VAL A 52 10.86 -17.05 12.06
C VAL A 52 11.97 -18.05 12.26
N PRO A 53 12.06 -19.03 11.37
CA PRO A 53 13.15 -19.97 11.55
C PRO A 53 14.60 -19.50 11.17
N VAL A 54 14.72 -18.42 10.39
CA VAL A 54 15.86 -18.21 9.52
C VAL A 54 16.07 -16.72 9.32
N VAL A 55 17.31 -16.31 9.02
CA VAL A 55 17.62 -14.92 8.69
C VAL A 55 18.23 -14.92 7.30
N ILE A 56 17.41 -14.55 6.32
CA ILE A 56 17.82 -14.49 4.93
C ILE A 56 18.55 -13.19 4.64
N SER A 57 19.63 -13.30 3.88
CA SER A 57 20.44 -12.16 3.46
C SER A 57 20.39 -11.94 1.97
N LYS A 58 20.25 -12.97 1.18
CA LYS A 58 20.21 -12.77 -0.28
C LYS A 58 19.33 -13.78 -0.95
N GLY A 59 18.86 -13.41 -2.14
CA GLY A 59 18.05 -14.28 -2.93
C GLY A 59 18.39 -14.18 -4.39
N LYS A 60 18.34 -15.31 -5.10
CA LYS A 60 18.53 -15.32 -6.55
C LYS A 60 17.70 -16.45 -7.08
N GLY A 61 16.73 -16.12 -7.91
CA GLY A 61 15.89 -17.13 -8.51
C GLY A 61 15.08 -17.88 -7.46
N ALA A 62 15.18 -19.20 -7.49
CA ALA A 62 14.46 -20.06 -6.56
C ALA A 62 15.18 -20.22 -5.22
N ARG A 63 16.40 -19.69 -5.11
CA ARG A 63 17.24 -19.92 -3.92
C ARG A 63 17.39 -18.67 -3.05
N VAL A 64 17.50 -18.89 -1.75
CA VAL A 64 17.94 -17.89 -0.83
C VAL A 64 19.10 -18.37 -0.01
N TRP A 65 19.84 -17.44 0.59
CA TRP A 65 20.91 -17.79 1.51
C TRP A 65 20.73 -17.03 2.80
N ASP A 66 20.97 -17.73 3.91
CA ASP A 66 20.98 -17.10 5.21
C ASP A 66 22.30 -16.37 5.49
N ILE A 67 22.35 -15.70 6.64
CA ILE A 67 23.51 -14.88 7.00
C ILE A 67 24.80 -15.66 7.15
N ASN A 68 24.68 -16.97 7.36
CA ASN A 68 25.81 -17.90 7.46
C ASN A 68 26.18 -18.56 6.13
N GLY A 69 25.55 -18.13 5.03
CA GLY A 69 25.80 -18.72 3.73
C GLY A 69 25.10 -20.03 3.43
N ASN A 70 24.21 -20.51 4.31
CA ASN A 70 23.47 -21.73 4.00
C ASN A 70 22.41 -21.45 2.92
N GLU A 71 22.34 -22.34 1.93
CA GLU A 71 21.43 -22.22 0.78
C GLU A 71 20.12 -22.95 1.07
N TYR A 72 19.00 -22.36 0.64
CA TYR A 72 17.67 -22.99 0.79
C TYR A 72 16.90 -22.75 -0.50
N TYR A 73 15.91 -23.58 -0.76
CA TYR A 73 14.93 -23.31 -1.81
C TYR A 73 13.76 -22.59 -1.12
N ASP A 74 13.32 -21.46 -1.67
CA ASP A 74 12.21 -20.71 -1.11
C ASP A 74 10.93 -21.27 -1.66
N PHE A 75 10.19 -22.01 -0.83
CA PHE A 75 8.91 -22.58 -1.25
C PHE A 75 7.70 -21.81 -0.71
N LEU A 76 7.91 -20.54 -0.39
CA LEU A 76 6.80 -19.64 -0.09
C LEU A 76 6.73 -18.55 -1.12
N ALA A 77 7.89 -18.04 -1.49
CA ALA A 77 8.01 -17.08 -2.57
C ALA A 77 7.08 -15.90 -2.40
N GLY A 78 6.97 -15.36 -1.19
CA GLY A 78 6.07 -14.24 -0.94
C GLY A 78 4.59 -14.57 -1.07
N VAL A 79 4.25 -15.84 -0.89
CA VAL A 79 2.93 -16.39 -1.14
C VAL A 79 2.56 -16.04 -2.60
N SER A 80 3.47 -16.36 -3.52
CA SER A 80 3.34 -16.11 -4.96
C SER A 80 3.54 -14.66 -5.37
N SER A 81 4.38 -13.91 -4.65
CA SER A 81 4.88 -12.61 -5.08
C SER A 81 6.19 -12.66 -5.81
N LEU A 82 6.90 -13.79 -5.75
CA LEU A 82 8.24 -13.96 -6.37
C LEU A 82 8.22 -15.03 -7.46
N SER A 83 7.14 -15.04 -8.23
CA SER A 83 7.07 -16.00 -9.32
C SER A 83 8.23 -15.93 -10.31
N GLN A 84 8.75 -14.73 -10.54
CA GLN A 84 9.89 -14.52 -11.44
C GLN A 84 11.24 -14.80 -10.77
N GLY A 85 11.24 -15.27 -9.54
CA GLY A 85 12.44 -15.45 -8.76
C GLY A 85 12.86 -14.23 -7.97
N HIS A 86 13.64 -14.44 -6.92
CA HIS A 86 14.33 -13.34 -6.26
C HIS A 86 15.29 -12.62 -7.21
N CYS A 87 15.20 -11.31 -7.16
CA CYS A 87 16.12 -10.43 -7.87
C CYS A 87 16.30 -10.83 -9.33
N HIS A 88 15.20 -10.94 -10.05
CA HIS A 88 15.28 -11.26 -11.46
C HIS A 88 16.06 -10.15 -12.14
N PRO A 89 17.12 -10.49 -12.85
CA PRO A 89 17.98 -9.38 -13.32
C PRO A 89 17.32 -8.36 -14.26
N ARG A 90 16.37 -8.78 -15.10
CA ARG A 90 15.64 -7.81 -15.95
C ARG A 90 14.82 -6.87 -15.14
N VAL A 91 14.17 -7.40 -14.12
CA VAL A 91 13.31 -6.55 -13.33
C VAL A 91 14.14 -5.58 -12.50
N ILE A 92 15.24 -6.03 -11.91
CA ILE A 92 16.10 -5.16 -11.15
C ILE A 92 16.73 -4.11 -12.10
N ALA A 93 17.06 -4.48 -13.32
CA ALA A 93 17.57 -3.48 -14.25
C ALA A 93 16.53 -2.41 -14.57
N ALA A 94 15.28 -2.84 -14.77
CA ALA A 94 14.20 -1.91 -15.02
C ALA A 94 13.97 -0.95 -13.90
N LEU A 95 13.98 -1.49 -12.68
CA LEU A 95 13.91 -0.69 -11.47
C LEU A 95 14.98 0.38 -11.43
N CYS A 96 16.21 -0.07 -11.57
CA CYS A 96 17.35 0.83 -11.44
C CYS A 96 17.31 1.91 -12.51
N ARG A 97 16.92 1.55 -13.73
CA ARG A 97 16.89 2.55 -14.80
C ARG A 97 15.85 3.61 -14.56
N GLN A 98 14.66 3.19 -14.16
CA GLN A 98 13.60 4.15 -14.00
C GLN A 98 13.86 5.00 -12.74
N ALA A 99 14.42 4.35 -11.72
CA ALA A 99 14.74 5.06 -10.46
C ALA A 99 15.72 6.24 -10.60
N GLU A 100 16.58 6.19 -11.59
CA GLU A 100 17.47 7.33 -11.91
C GLU A 100 16.76 8.47 -12.61
N ARG A 101 15.56 8.24 -13.11
CA ARG A 101 14.85 9.19 -13.95
C ARG A 101 13.68 9.91 -13.28
N LEU A 102 12.83 9.11 -12.60
CA LEU A 102 11.57 9.66 -12.09
C LEU A 102 10.87 8.50 -11.32
N THR A 103 10.52 8.75 -10.08
CA THR A 103 9.82 7.72 -9.27
C THR A 103 8.39 8.05 -8.89
N LEU A 104 8.07 9.32 -8.68
CA LEU A 104 6.76 9.74 -8.20
C LEU A 104 6.42 11.11 -8.76
N THR A 105 5.24 11.22 -9.35
CA THR A 105 4.64 12.49 -9.66
C THR A 105 3.38 12.84 -8.95
N LEU A 106 2.72 11.81 -8.41
CA LEU A 106 1.30 11.79 -8.11
C LEU A 106 0.49 11.75 -9.39
N ARG A 107 -0.73 11.24 -9.26
CA ARG A 107 -1.63 11.23 -10.41
C ARG A 107 -2.26 12.62 -10.62
N ALA A 108 -1.94 13.58 -9.77
CA ALA A 108 -2.26 14.98 -9.98
C ALA A 108 -1.55 15.58 -11.20
N PHE A 109 -0.42 14.96 -11.58
CA PHE A 109 0.35 15.38 -12.77
C PHE A 109 0.47 14.21 -13.73
N GLY A 110 0.57 14.45 -15.05
CA GLY A 110 0.85 13.36 -15.97
C GLY A 110 2.32 13.01 -15.97
N ASN A 111 2.60 11.85 -16.53
CA ASN A 111 4.00 11.46 -16.74
C ASN A 111 4.05 10.53 -17.93
N ASP A 112 5.27 10.14 -18.33
CA ASP A 112 5.40 9.33 -19.53
C ASP A 112 5.41 7.81 -19.36
N VAL A 113 5.00 7.38 -18.16
CA VAL A 113 4.99 5.98 -17.80
C VAL A 113 3.61 5.38 -17.44
N THR A 114 2.80 6.08 -16.70
CA THR A 114 1.59 5.45 -16.06
C THR A 114 0.59 5.00 -17.14
N GLY A 115 0.37 5.89 -18.11
CA GLY A 115 -0.55 5.59 -19.16
C GLY A 115 -0.12 4.43 -20.00
N PRO A 116 1.12 4.47 -20.55
CA PRO A 116 1.58 3.31 -21.30
C PRO A 116 1.55 2.02 -20.49
N ALA A 117 1.89 2.07 -19.21
CA ALA A 117 1.84 0.84 -18.41
C ALA A 117 0.41 0.33 -18.27
N CYS A 118 -0.53 1.23 -18.07
CA CYS A 118 -1.93 0.85 -18.04
C CYS A 118 -2.43 0.28 -19.34
N ARG A 119 -2.04 0.89 -20.46
CA ARG A 119 -2.36 0.31 -21.75
C ARG A 119 -1.80 -1.09 -21.90
N PHE A 120 -0.55 -1.27 -21.49
CA PHE A 120 0.09 -2.58 -21.55
C PHE A 120 -0.75 -3.63 -20.80
N MET A 121 -1.19 -3.25 -19.61
CA MET A 121 -1.96 -4.15 -18.83
C MET A 121 -3.38 -4.37 -19.38
N ALA A 122 -4.04 -3.31 -19.82
CA ALA A 122 -5.38 -3.38 -20.42
C ALA A 122 -5.41 -4.37 -21.59
N GLU A 123 -4.39 -4.30 -22.42
CA GLU A 123 -4.30 -5.17 -23.58
C GLU A 123 -3.93 -6.59 -23.20
N MET A 124 -3.07 -6.76 -22.17
CA MET A 124 -2.70 -8.09 -21.77
C MET A 124 -3.86 -8.86 -21.17
N PHE A 125 -4.69 -8.18 -20.38
CA PHE A 125 -5.74 -8.89 -19.64
C PHE A 125 -7.14 -8.69 -20.23
N GLY A 126 -7.28 -7.82 -21.23
CA GLY A 126 -8.57 -7.61 -21.92
C GLY A 126 -9.58 -6.75 -21.20
N TYR A 127 -9.11 -5.66 -20.57
CA TYR A 127 -10.01 -4.72 -19.86
C TYR A 127 -9.92 -3.30 -20.41
N ASP A 128 -10.98 -2.54 -20.24
CA ASP A 128 -11.03 -1.14 -20.69
C ASP A 128 -10.18 -0.21 -19.85
N ARG A 129 -10.22 -0.39 -18.53
CA ARG A 129 -9.64 0.59 -17.62
C ARG A 129 -8.89 -0.13 -16.52
N VAL A 130 -7.78 0.48 -16.12
CA VAL A 130 -6.86 -0.09 -15.10
C VAL A 130 -6.69 0.94 -14.00
N LEU A 131 -7.02 0.52 -12.78
CA LEU A 131 -6.76 1.32 -11.56
C LEU A 131 -5.57 0.68 -10.88
N LEU A 132 -4.49 1.45 -10.70
CA LEU A 132 -3.28 0.96 -10.01
C LEU A 132 -3.27 1.44 -8.57
N MET A 133 -3.12 0.49 -7.66
CA MET A 133 -2.98 0.77 -6.23
C MET A 133 -1.69 0.14 -5.78
N ASN A 134 -1.47 0.05 -4.46
CA ASN A 134 -0.17 -0.42 -4.00
C ASN A 134 -0.22 -1.80 -3.43
N THR A 135 -1.22 -2.15 -2.64
CA THR A 135 -1.26 -3.44 -2.00
C THR A 135 -2.49 -4.24 -2.43
N GLY A 136 -2.47 -5.55 -2.15
CA GLY A 136 -3.63 -6.37 -2.38
C GLY A 136 -4.88 -5.92 -1.63
N ALA A 137 -4.71 -5.62 -0.34
CA ALA A 137 -5.83 -5.07 0.40
C ALA A 137 -6.43 -3.82 -0.22
N GLU A 138 -5.59 -2.94 -0.75
CA GLU A 138 -6.09 -1.71 -1.37
C GLU A 138 -6.83 -2.01 -2.68
N ALA A 139 -6.36 -3.02 -3.41
CA ALA A 139 -7.09 -3.49 -4.58
C ALA A 139 -8.48 -4.01 -4.20
N GLY A 140 -8.56 -4.81 -3.13
CA GLY A 140 -9.84 -5.28 -2.69
C GLY A 140 -10.76 -4.17 -2.21
N GLU A 141 -10.22 -3.23 -1.45
CA GLU A 141 -11.00 -2.09 -0.97
C GLU A 141 -11.56 -1.29 -2.15
N SER A 142 -10.70 -1.05 -3.14
CA SER A 142 -11.09 -0.30 -4.26
C SER A 142 -12.19 -1.00 -5.09
N ALA A 143 -12.04 -2.27 -5.29
CA ALA A 143 -13.07 -3.07 -5.99
C ALA A 143 -14.41 -3.05 -5.30
N LEU A 144 -14.40 -3.11 -3.94
CA LEU A 144 -15.65 -3.06 -3.18
C LEU A 144 -16.27 -1.71 -3.25
N LYS A 145 -15.46 -0.65 -3.23
CA LYS A 145 -15.99 0.73 -3.45
C LYS A 145 -16.64 0.86 -4.86
N ILE A 146 -15.97 0.33 -5.87
CA ILE A 146 -16.46 0.37 -7.28
C ILE A 146 -17.79 -0.35 -7.35
N ALA A 147 -17.85 -1.53 -6.71
CA ALA A 147 -19.04 -2.35 -6.83
C ALA A 147 -20.18 -1.65 -6.16
N ARG A 148 -19.93 -1.13 -4.96
CA ARG A 148 -20.96 -0.39 -4.24
C ARG A 148 -21.49 0.80 -5.01
N LYS A 149 -20.58 1.61 -5.54
CA LYS A 149 -20.97 2.84 -6.19
C LYS A 149 -21.73 2.53 -7.48
N TRP A 150 -21.24 1.54 -8.23
CA TRP A 150 -21.93 1.02 -9.40
C TRP A 150 -23.33 0.51 -9.08
N ALA A 151 -23.47 -0.24 -8.00
CA ALA A 151 -24.77 -0.73 -7.60
C ALA A 151 -25.74 0.39 -7.24
N TYR A 152 -25.25 1.40 -6.55
CA TYR A 152 -26.10 2.56 -6.24
C TYR A 152 -26.51 3.35 -7.47
N GLU A 153 -25.55 3.51 -8.39
CA GLU A 153 -25.72 4.45 -9.52
C GLU A 153 -26.33 3.84 -10.77
N VAL A 154 -25.99 2.59 -11.05
CA VAL A 154 -26.42 1.85 -12.25
C VAL A 154 -27.49 0.83 -11.95
N LYS A 155 -27.31 -0.05 -10.97
CA LYS A 155 -28.44 -0.85 -10.47
C LYS A 155 -29.55 -0.09 -9.72
N GLU A 156 -29.26 1.11 -9.22
CA GLU A 156 -30.22 1.88 -8.44
C GLU A 156 -30.81 1.14 -7.24
N ILE A 157 -29.99 0.41 -6.51
CA ILE A 157 -30.46 -0.14 -5.23
C ILE A 157 -30.57 0.97 -4.15
N PRO A 158 -31.41 0.77 -3.12
CA PRO A 158 -31.60 1.85 -2.13
C PRO A 158 -30.31 2.27 -1.41
N PRO A 159 -30.27 3.50 -0.88
CA PRO A 159 -29.06 3.97 -0.19
C PRO A 159 -28.64 3.09 0.99
N ASP A 160 -27.32 2.84 1.06
CA ASP A 160 -26.70 2.04 2.07
C ASP A 160 -27.06 0.56 2.11
N SER A 161 -27.77 0.06 1.10
CA SER A 161 -28.31 -1.32 1.12
C SER A 161 -27.43 -2.30 0.37
N ALA A 162 -26.34 -1.82 -0.24
CA ALA A 162 -25.52 -2.73 -1.05
C ALA A 162 -24.94 -3.85 -0.21
N LYS A 163 -25.02 -5.06 -0.74
CA LYS A 163 -24.43 -6.23 -0.16
C LYS A 163 -23.39 -6.86 -1.06
N VAL A 164 -22.32 -7.39 -0.46
CA VAL A 164 -21.32 -8.16 -1.19
C VAL A 164 -21.27 -9.56 -0.59
N ILE A 165 -21.34 -10.57 -1.45
CA ILE A 165 -21.23 -11.97 -1.06
C ILE A 165 -19.76 -12.36 -1.13
N LEU A 166 -19.23 -12.98 -0.07
CA LEU A 166 -17.88 -13.60 -0.11
C LEU A 166 -17.94 -14.94 0.58
N CYS A 167 -16.82 -15.66 0.54
CA CYS A 167 -16.82 -17.04 1.01
C CYS A 167 -16.11 -17.22 2.33
N ASN A 168 -16.62 -18.17 3.12
CA ASN A 168 -15.96 -18.51 4.35
C ASN A 168 -14.50 -18.84 4.11
N ASN A 169 -13.61 -18.46 5.04
CA ASN A 169 -12.17 -18.69 4.91
C ASN A 169 -11.52 -17.86 3.80
N ASN A 170 -12.25 -16.90 3.29
CA ASN A 170 -11.64 -15.93 2.35
C ASN A 170 -10.51 -15.17 3.02
N TYR A 171 -9.56 -14.69 2.20
CA TYR A 171 -8.55 -13.75 2.69
C TYR A 171 -8.29 -12.73 1.63
N TRP A 172 -8.47 -11.46 1.94
CA TRP A 172 -8.10 -10.38 0.98
C TRP A 172 -7.35 -9.25 1.57
N GLY A 173 -6.88 -9.43 2.79
CA GLY A 173 -6.15 -8.32 3.45
C GLY A 173 -6.53 -8.06 4.85
N ARG A 174 -6.01 -6.94 5.35
CA ARG A 174 -6.00 -6.66 6.79
C ARG A 174 -6.60 -5.31 7.16
N THR A 175 -7.24 -4.62 6.22
CA THR A 175 -7.98 -3.44 6.57
C THR A 175 -9.20 -3.79 7.46
N ILE A 176 -9.79 -2.80 8.12
CA ILE A 176 -10.97 -3.07 8.97
C ILE A 176 -12.10 -3.66 8.13
N THR A 177 -12.30 -3.21 6.89
CA THR A 177 -13.33 -3.78 6.07
C THR A 177 -13.02 -5.24 5.70
N ALA A 178 -11.76 -5.59 5.51
CA ALA A 178 -11.38 -6.98 5.27
C ALA A 178 -11.65 -7.80 6.50
N CYS A 179 -11.28 -7.28 7.66
CA CYS A 179 -11.59 -7.97 8.93
C CYS A 179 -13.07 -8.20 9.08
N SER A 180 -13.86 -7.21 8.72
CA SER A 180 -15.33 -7.21 8.75
C SER A 180 -15.99 -8.27 7.88
N SER A 181 -15.26 -8.78 6.90
CA SER A 181 -15.74 -9.77 5.98
C SER A 181 -15.01 -11.11 6.09
N SER A 182 -14.24 -11.30 7.17
CA SER A 182 -13.49 -12.51 7.42
C SER A 182 -14.29 -13.44 8.30
N THR A 183 -13.99 -14.71 8.17
CA THR A 183 -14.50 -15.73 9.14
C THR A 183 -13.38 -16.35 10.01
N THR A 184 -12.20 -15.75 10.00
CA THR A 184 -11.04 -16.23 10.68
C THR A 184 -10.92 -15.45 11.97
N PHE A 185 -11.05 -16.14 13.10
CA PHE A 185 -11.08 -15.46 14.37
C PHE A 185 -9.98 -14.45 14.61
N ASP A 186 -8.73 -14.82 14.45
CA ASP A 186 -7.65 -13.88 14.74
C ASP A 186 -7.61 -12.70 13.77
N CYS A 187 -8.24 -12.83 12.60
N CYS A 187 -8.25 -12.82 12.61
CA CYS A 187 -8.34 -11.70 11.68
CA CYS A 187 -8.32 -11.70 11.66
C CYS A 187 -9.31 -10.63 12.17
C CYS A 187 -9.36 -10.64 12.07
N TYR A 188 -10.43 -11.01 12.79
CA TYR A 188 -11.45 -10.03 13.21
C TYR A 188 -11.53 -9.71 14.65
N ASN A 189 -11.10 -10.64 15.49
CA ASN A 189 -11.38 -10.52 16.93
C ASN A 189 -10.86 -9.20 17.50
N ASN A 190 -11.78 -8.48 18.18
CA ASN A 190 -11.46 -7.23 18.87
C ASN A 190 -11.03 -6.10 17.95
N PHE A 191 -11.42 -6.20 16.68
CA PHE A 191 -11.13 -5.08 15.80
C PHE A 191 -12.38 -4.33 15.34
N GLY A 192 -13.53 -4.63 15.92
CA GLY A 192 -14.79 -4.00 15.52
C GLY A 192 -15.04 -2.74 16.28
N PRO A 193 -16.18 -2.11 16.06
CA PRO A 193 -17.30 -2.59 15.26
C PRO A 193 -17.04 -2.59 13.75
N PHE A 194 -17.80 -3.45 13.09
CA PHE A 194 -17.43 -3.88 11.75
C PHE A 194 -18.22 -3.20 10.66
N THR A 195 -17.61 -3.07 9.48
CA THR A 195 -18.30 -2.59 8.31
C THR A 195 -19.48 -3.55 7.94
N PRO A 196 -20.71 -3.03 7.88
CA PRO A 196 -21.82 -3.85 7.46
C PRO A 196 -21.79 -4.16 5.98
N GLY A 197 -22.70 -5.03 5.58
CA GLY A 197 -22.92 -5.25 4.14
C GLY A 197 -22.26 -6.47 3.52
N PHE A 198 -21.94 -7.48 4.32
CA PHE A 198 -21.36 -8.69 3.80
C PHE A 198 -22.21 -9.89 4.12
N GLU A 199 -22.32 -10.78 3.14
CA GLU A 199 -22.98 -12.08 3.32
C GLU A 199 -21.96 -13.14 3.06
N LEU A 200 -21.73 -14.01 4.05
CA LEU A 200 -20.73 -15.06 3.91
C LEU A 200 -21.42 -16.36 3.60
N ILE A 201 -20.90 -17.06 2.60
CA ILE A 201 -21.35 -18.40 2.25
C ILE A 201 -20.18 -19.36 2.21
N ASP A 202 -20.45 -20.67 2.26
CA ASP A 202 -19.41 -21.66 2.01
C ASP A 202 -18.74 -21.46 0.65
N TYR A 203 -17.42 -21.66 0.61
CA TYR A 203 -16.70 -21.77 -0.65
C TYR A 203 -17.09 -23.03 -1.39
N ASP A 204 -17.00 -22.99 -2.72
CA ASP A 204 -17.17 -24.19 -3.55
C ASP A 204 -18.58 -24.76 -3.32
N ASP A 205 -19.58 -23.87 -3.28
CA ASP A 205 -20.96 -24.24 -3.02
C ASP A 205 -21.86 -23.38 -3.89
N VAL A 206 -22.15 -23.91 -5.08
CA VAL A 206 -22.98 -23.18 -6.05
C VAL A 206 -24.42 -22.97 -5.55
N GLY A 207 -24.99 -23.96 -4.88
CA GLY A 207 -26.32 -23.83 -4.30
C GLY A 207 -26.44 -22.68 -3.33
N ALA A 208 -25.44 -22.54 -2.49
CA ALA A 208 -25.48 -21.48 -1.47
C ALA A 208 -25.37 -20.12 -2.16
N LEU A 209 -24.56 -20.03 -3.21
CA LEU A 209 -24.45 -18.81 -3.96
C LEU A 209 -25.78 -18.46 -4.60
N GLU A 210 -26.40 -19.43 -5.29
CA GLU A 210 -27.71 -19.20 -5.90
C GLU A 210 -28.73 -18.65 -4.91
N GLU A 211 -28.76 -19.21 -3.71
CA GLU A 211 -29.68 -18.67 -2.73
C GLU A 211 -29.36 -17.25 -2.26
N ALA A 212 -28.08 -16.95 -2.02
CA ALA A 212 -27.65 -15.60 -1.64
C ALA A 212 -27.94 -14.55 -2.71
N LEU A 213 -27.90 -14.97 -3.98
CA LEU A 213 -28.19 -14.08 -5.08
C LEU A 213 -29.67 -13.75 -5.28
N LYS A 214 -30.55 -14.38 -4.49
CA LYS A 214 -31.95 -13.93 -4.45
C LYS A 214 -32.18 -12.54 -3.84
N ASP A 215 -31.21 -12.05 -3.08
CA ASP A 215 -31.30 -10.73 -2.50
C ASP A 215 -31.00 -9.70 -3.61
N PRO A 216 -31.98 -8.86 -3.93
CA PRO A 216 -31.77 -7.93 -5.03
C PRO A 216 -30.77 -6.78 -4.73
N ASN A 217 -30.37 -6.62 -3.45
CA ASN A 217 -29.43 -5.59 -3.06
C ASN A 217 -27.99 -6.04 -3.19
N VAL A 218 -27.75 -7.24 -3.72
CA VAL A 218 -26.40 -7.71 -3.91
C VAL A 218 -25.76 -6.95 -5.05
N ALA A 219 -24.60 -6.36 -4.79
CA ALA A 219 -23.79 -5.65 -5.79
C ALA A 219 -22.78 -6.57 -6.46
N ALA A 220 -22.18 -7.48 -5.70
CA ALA A 220 -21.09 -8.31 -6.18
C ALA A 220 -20.96 -9.62 -5.43
N PHE A 221 -20.33 -10.58 -6.10
CA PHE A 221 -19.80 -11.79 -5.50
C PHE A 221 -18.28 -11.71 -5.61
N PHE A 222 -17.58 -11.79 -4.48
CA PHE A 222 -16.12 -11.58 -4.40
C PHE A 222 -15.50 -12.92 -4.04
N VAL A 223 -14.67 -13.48 -4.91
CA VAL A 223 -14.21 -14.87 -4.80
C VAL A 223 -12.81 -15.11 -5.30
N GLU A 224 -12.11 -16.08 -4.72
CA GLU A 224 -10.78 -16.52 -5.12
C GLU A 224 -11.00 -17.77 -6.03
N PRO A 225 -10.29 -17.89 -7.14
CA PRO A 225 -10.42 -19.13 -7.97
C PRO A 225 -9.93 -20.39 -7.26
N ILE A 226 -8.97 -20.25 -6.35
CA ILE A 226 -8.49 -21.24 -5.39
C ILE A 226 -8.28 -20.42 -4.14
N GLN A 227 -8.87 -20.80 -3.01
CA GLN A 227 -8.61 -20.04 -1.79
C GLN A 227 -7.16 -20.23 -1.36
N GLY A 228 -6.46 -19.13 -1.07
CA GLY A 228 -5.01 -19.18 -0.84
C GLY A 228 -4.74 -19.42 0.62
N GLU A 229 -4.88 -18.36 1.40
CA GLU A 229 -4.62 -18.47 2.83
C GLU A 229 -5.62 -19.43 3.47
N GLY A 230 -6.78 -19.58 2.87
CA GLY A 230 -7.78 -20.52 3.38
C GLY A 230 -7.38 -21.99 3.31
N GLY A 231 -6.28 -22.29 2.61
CA GLY A 231 -5.72 -23.66 2.57
C GLY A 231 -5.45 -24.27 1.22
N VAL A 232 -5.29 -23.45 0.16
CA VAL A 232 -5.15 -23.94 -1.24
C VAL A 232 -6.37 -24.84 -1.52
N ASN A 233 -7.53 -24.26 -1.26
CA ASN A 233 -8.77 -24.96 -1.50
C ASN A 233 -9.14 -24.84 -2.99
N VAL A 234 -9.02 -25.95 -3.69
CA VAL A 234 -9.34 -26.05 -5.10
C VAL A 234 -10.79 -26.46 -5.24
N PRO A 235 -11.62 -25.64 -5.89
CA PRO A 235 -13.05 -25.99 -5.99
C PRO A 235 -13.32 -27.08 -7.03
N LYS A 236 -14.52 -27.61 -7.02
CA LYS A 236 -14.91 -28.69 -7.91
C LYS A 236 -14.99 -28.17 -9.32
N PRO A 237 -14.89 -29.11 -10.30
CA PRO A 237 -15.02 -28.73 -11.68
C PRO A 237 -16.26 -27.88 -11.93
N GLY A 238 -16.03 -26.78 -12.66
CA GLY A 238 -17.10 -25.88 -13.07
C GLY A 238 -17.50 -24.77 -12.11
N TYR A 239 -16.86 -24.70 -10.96
CA TYR A 239 -17.36 -23.79 -9.95
C TYR A 239 -17.44 -22.35 -10.42
N LEU A 240 -16.33 -21.82 -10.91
CA LEU A 240 -16.30 -20.43 -11.24
C LEU A 240 -17.18 -20.12 -12.48
N LYS A 241 -17.20 -21.03 -13.45
CA LYS A 241 -18.11 -20.93 -14.59
C LYS A 241 -19.56 -20.78 -14.17
N ARG A 242 -19.98 -21.69 -13.29
CA ARG A 242 -21.34 -21.72 -12.80
C ARG A 242 -21.66 -20.46 -11.98
N ALA A 243 -20.70 -20.02 -11.20
CA ALA A 243 -20.89 -18.83 -10.41
C ALA A 243 -21.11 -17.60 -11.29
N HIS A 244 -20.33 -17.51 -12.35
CA HIS A 244 -20.44 -16.32 -13.20
C HIS A 244 -21.82 -16.25 -13.86
N GLU A 245 -22.32 -17.39 -14.31
CA GLU A 245 -23.66 -17.45 -14.97
C GLU A 245 -24.76 -17.01 -14.00
N LEU A 246 -24.66 -17.45 -12.74
CA LEU A 246 -25.61 -17.03 -11.75
C LEU A 246 -25.59 -15.53 -11.47
N CYS A 247 -24.37 -14.98 -11.38
CA CYS A 247 -24.17 -13.55 -11.16
C CYS A 247 -24.75 -12.73 -12.32
N ARG A 248 -24.47 -13.20 -13.52
CA ARG A 248 -25.00 -12.50 -14.73
C ARG A 248 -26.50 -12.47 -14.79
N SER A 249 -27.10 -13.58 -14.42
CA SER A 249 -28.57 -13.67 -14.37
C SER A 249 -29.22 -12.60 -13.49
N LYS A 250 -28.50 -12.19 -12.44
CA LYS A 250 -29.01 -11.25 -11.46
C LYS A 250 -28.39 -9.86 -11.53
N ASN A 251 -27.57 -9.63 -12.55
CA ASN A 251 -26.88 -8.36 -12.77
C ASN A 251 -26.02 -8.03 -11.56
N VAL A 252 -25.26 -9.03 -11.17
CA VAL A 252 -24.32 -8.93 -10.04
C VAL A 252 -22.90 -9.07 -10.61
N LEU A 253 -22.01 -8.21 -10.14
CA LEU A 253 -20.61 -8.24 -10.60
C LEU A 253 -19.85 -9.40 -9.98
N LEU A 254 -19.10 -10.11 -10.79
CA LEU A 254 -18.17 -11.14 -10.30
C LEU A 254 -16.78 -10.52 -10.16
N ILE A 255 -16.35 -10.32 -8.91
CA ILE A 255 -15.05 -9.79 -8.60
C ILE A 255 -14.17 -11.00 -8.30
N VAL A 256 -13.14 -11.19 -9.06
CA VAL A 256 -12.24 -12.31 -8.93
C VAL A 256 -10.88 -11.86 -8.44
N ASP A 257 -10.51 -12.32 -7.26
CA ASP A 257 -9.24 -12.01 -6.66
C ASP A 257 -8.16 -12.97 -7.13
N GLU A 258 -7.33 -12.48 -8.03
CA GLU A 258 -6.20 -13.23 -8.61
C GLU A 258 -4.85 -12.73 -8.09
N ILE A 259 -4.88 -12.07 -6.95
CA ILE A 259 -3.64 -11.56 -6.32
C ILE A 259 -2.67 -12.71 -6.03
N GLN A 260 -3.18 -13.81 -5.50
CA GLN A 260 -2.36 -14.99 -5.26
C GLN A 260 -2.33 -16.01 -6.37
N THR A 261 -3.45 -16.21 -7.09
CA THR A 261 -3.56 -17.27 -8.08
C THR A 261 -3.22 -16.84 -9.49
N GLY A 262 -3.16 -15.58 -9.73
CA GLY A 262 -2.94 -15.10 -11.10
C GLY A 262 -1.51 -15.13 -11.57
N LEU A 263 -1.29 -14.63 -12.77
CA LEU A 263 0.07 -14.41 -13.25
C LEU A 263 0.87 -15.70 -13.32
N CYS A 264 0.23 -16.71 -13.93
CA CYS A 264 0.90 -17.96 -14.33
C CYS A 264 1.10 -18.98 -13.21
N ARG A 265 0.87 -18.64 -11.96
CA ARG A 265 1.05 -19.54 -10.84
C ARG A 265 0.36 -20.91 -10.97
N THR A 266 -0.86 -20.91 -11.49
CA THR A 266 -1.63 -22.13 -11.63
C THR A 266 -1.47 -22.80 -13.00
N GLY A 267 -0.56 -22.30 -13.84
CA GLY A 267 -0.37 -22.89 -15.17
C GLY A 267 -1.09 -22.21 -16.32
N ARG A 268 -1.83 -21.14 -16.00
CA ARG A 268 -2.51 -20.28 -16.92
C ARG A 268 -2.25 -18.84 -16.52
N LEU A 269 -2.40 -17.92 -17.44
CA LEU A 269 -2.18 -16.50 -17.11
C LEU A 269 -3.01 -16.06 -15.92
N LEU A 270 -4.31 -16.41 -15.90
CA LEU A 270 -5.20 -16.19 -14.78
C LEU A 270 -5.77 -17.53 -14.38
N ALA A 271 -5.90 -17.79 -13.09
CA ALA A 271 -6.59 -18.99 -12.65
C ALA A 271 -8.03 -19.07 -13.15
N ALA A 272 -8.68 -17.93 -13.35
CA ALA A 272 -10.01 -17.89 -13.95
C ALA A 272 -10.07 -18.49 -15.38
N ASP A 273 -8.93 -18.53 -16.08
CA ASP A 273 -8.86 -19.08 -17.43
C ASP A 273 -9.18 -20.59 -17.42
N HIS A 274 -8.95 -21.29 -16.32
CA HIS A 274 -9.31 -22.71 -16.19
C HIS A 274 -10.81 -22.94 -16.51
N ASP A 275 -11.66 -21.96 -16.18
CA ASP A 275 -13.10 -22.02 -16.42
C ASP A 275 -13.57 -21.14 -17.54
N GLU A 276 -12.62 -20.58 -18.28
CA GLU A 276 -12.90 -19.58 -19.29
C GLU A 276 -13.74 -18.43 -18.80
N VAL A 277 -13.46 -18.00 -17.57
CA VAL A 277 -14.16 -16.87 -16.96
C VAL A 277 -13.34 -15.61 -17.16
N HIS A 278 -14.00 -14.56 -17.65
CA HIS A 278 -13.41 -13.25 -17.68
C HIS A 278 -14.10 -12.43 -16.56
N PRO A 279 -13.39 -12.18 -15.45
CA PRO A 279 -14.00 -11.51 -14.32
C PRO A 279 -14.60 -10.16 -14.67
N ASP A 280 -15.74 -9.79 -14.08
CA ASP A 280 -16.24 -8.43 -14.26
C ASP A 280 -15.22 -7.40 -13.68
N ILE A 281 -14.73 -7.68 -12.49
CA ILE A 281 -13.58 -6.94 -11.96
C ILE A 281 -12.48 -7.94 -11.62
N LEU A 282 -11.25 -7.68 -12.10
CA LEU A 282 -10.07 -8.52 -11.84
C LEU A 282 -9.15 -7.79 -10.84
N LEU A 283 -8.70 -8.50 -9.81
CA LEU A 283 -7.63 -7.99 -8.95
C LEU A 283 -6.32 -8.72 -9.20
N LEU A 284 -5.24 -7.97 -9.37
CA LEU A 284 -3.86 -8.51 -9.44
C LEU A 284 -3.00 -7.80 -8.42
N GLY A 285 -1.96 -8.47 -8.00
CA GLY A 285 -1.01 -7.91 -7.07
C GLY A 285 0.23 -8.76 -7.03
N LYS A 286 0.89 -8.78 -5.87
CA LYS A 286 2.00 -9.72 -5.66
C LYS A 286 3.04 -9.82 -6.81
N SER A 287 3.04 -10.88 -7.64
CA SER A 287 4.02 -11.03 -8.72
C SER A 287 3.85 -10.03 -9.84
N LEU A 288 2.80 -9.17 -9.75
CA LEU A 288 2.70 -8.05 -10.69
C LEU A 288 3.99 -7.26 -10.69
N SER A 289 4.68 -7.17 -9.55
CA SER A 289 5.98 -6.50 -9.47
C SER A 289 7.19 -7.39 -9.33
N ALA A 290 7.00 -8.70 -9.47
CA ALA A 290 8.07 -9.69 -9.23
C ALA A 290 8.64 -9.56 -7.81
N GLY A 291 7.81 -9.04 -6.91
CA GLY A 291 8.22 -8.94 -5.53
C GLY A 291 9.13 -7.78 -5.19
N VAL A 292 9.30 -6.83 -6.11
CA VAL A 292 10.30 -5.77 -6.01
C VAL A 292 9.70 -4.53 -5.28
N VAL A 293 8.48 -4.16 -5.60
CA VAL A 293 7.80 -3.03 -4.96
C VAL A 293 6.33 -3.30 -4.93
N PRO A 294 5.62 -2.74 -3.98
CA PRO A 294 4.19 -3.05 -3.90
C PRO A 294 3.39 -2.36 -5.01
N ILE A 295 2.75 -3.08 -5.92
CA ILE A 295 1.82 -2.52 -6.89
C ILE A 295 0.72 -3.54 -7.09
N SER A 296 -0.52 -3.07 -7.08
CA SER A 296 -1.69 -3.90 -7.33
C SER A 296 -2.58 -3.24 -8.37
N ALA A 297 -3.49 -4.02 -8.95
CA ALA A 297 -4.31 -3.52 -10.04
C ALA A 297 -5.74 -4.00 -9.90
N VAL A 298 -6.66 -3.12 -10.24
CA VAL A 298 -8.11 -3.43 -10.35
C VAL A 298 -8.46 -3.10 -11.76
N MET A 299 -9.03 -4.06 -12.51
CA MET A 299 -9.37 -3.82 -13.91
C MET A 299 -10.79 -4.21 -14.16
N GLY A 300 -11.44 -3.51 -15.06
CA GLY A 300 -12.87 -3.70 -15.35
C GLY A 300 -13.25 -3.01 -16.63
N ARG A 301 -14.51 -3.22 -17.02
CA ARG A 301 -15.05 -2.52 -18.20
C ARG A 301 -15.36 -1.07 -17.85
N ALA A 302 -15.42 -0.23 -18.88
CA ALA A 302 -15.59 1.16 -18.72
C ALA A 302 -16.79 1.59 -17.92
N ASP A 303 -17.94 0.97 -18.15
CA ASP A 303 -19.14 1.42 -17.47
C ASP A 303 -19.19 1.02 -15.99
N VAL A 304 -18.28 0.16 -15.57
CA VAL A 304 -18.11 -0.17 -14.11
C VAL A 304 -17.03 0.73 -13.53
N MET A 305 -15.84 0.72 -14.14
CA MET A 305 -14.73 1.46 -13.58
C MET A 305 -14.94 2.99 -13.57
N ASP A 306 -15.70 3.50 -14.53
CA ASP A 306 -15.91 4.95 -14.64
C ASP A 306 -16.78 5.55 -13.53
N VAL A 307 -17.34 4.72 -12.65
CA VAL A 307 -18.03 5.30 -11.48
C VAL A 307 -17.05 6.06 -10.59
N LEU A 308 -15.75 5.75 -10.67
CA LEU A 308 -14.75 6.45 -9.83
C LEU A 308 -14.38 7.73 -10.53
N LYS A 309 -15.23 8.74 -10.33
CA LYS A 309 -15.01 10.04 -10.92
C LYS A 309 -13.90 10.78 -10.20
N PRO A 310 -13.38 11.85 -10.82
CA PRO A 310 -12.34 12.62 -10.15
C PRO A 310 -12.66 13.01 -8.75
N GLY A 311 -11.74 12.75 -7.84
CA GLY A 311 -11.91 13.10 -6.47
C GLY A 311 -12.55 12.05 -5.62
N THR A 312 -13.10 11.00 -6.24
CA THR A 312 -13.85 10.01 -5.44
C THR A 312 -12.96 8.84 -5.05
N HIS A 313 -11.71 8.85 -5.44
CA HIS A 313 -10.76 7.78 -5.05
C HIS A 313 -9.38 8.25 -5.35
N GLY A 314 -8.38 7.70 -4.69
CA GLY A 314 -7.03 8.16 -4.90
C GLY A 314 -6.05 7.33 -4.11
N SER A 315 -4.79 7.63 -4.25
CA SER A 315 -3.71 6.98 -3.51
C SER A 315 -2.41 7.73 -3.79
N THR A 316 -1.60 8.06 -2.78
CA THR A 316 -0.39 8.86 -3.07
C THR A 316 0.51 8.11 -4.11
N PHE A 317 0.82 6.88 -3.83
CA PHE A 317 1.79 6.07 -4.58
C PHE A 317 1.16 5.24 -5.66
N GLY A 318 -0.18 5.18 -5.72
CA GLY A 318 -0.81 4.34 -6.73
C GLY A 318 -0.42 4.81 -8.13
N GLY A 319 0.08 3.93 -9.01
CA GLY A 319 0.38 4.36 -10.37
C GLY A 319 1.69 5.05 -10.51
N ASN A 320 2.53 5.05 -9.46
CA ASN A 320 3.80 5.74 -9.58
C ASN A 320 4.67 5.18 -10.71
N PRO A 321 5.48 6.04 -11.37
CA PRO A 321 6.20 5.52 -12.52
C PRO A 321 7.24 4.48 -12.25
N LEU A 322 7.81 4.46 -11.07
CA LEU A 322 8.79 3.39 -10.78
C LEU A 322 8.10 2.04 -10.76
N ALA A 323 7.01 1.95 -10.00
CA ALA A 323 6.27 0.70 -9.93
C ALA A 323 5.68 0.25 -11.28
N CYS A 324 5.24 1.19 -12.09
CA CYS A 324 4.76 0.88 -13.45
C CYS A 324 5.86 0.30 -14.33
N ALA A 325 7.04 0.92 -14.32
CA ALA A 325 8.17 0.35 -15.06
C ALA A 325 8.50 -1.06 -14.64
N VAL A 326 8.54 -1.29 -13.33
CA VAL A 326 8.77 -2.61 -12.81
C VAL A 326 7.72 -3.62 -13.26
N ALA A 327 6.45 -3.23 -13.22
CA ALA A 327 5.37 -4.10 -13.49
C ALA A 327 5.38 -4.50 -14.93
N VAL A 328 5.66 -3.58 -15.84
CA VAL A 328 5.71 -3.98 -17.21
C VAL A 328 6.82 -4.98 -17.43
N GLU A 329 7.99 -4.76 -16.85
CA GLU A 329 9.07 -5.74 -16.97
C GLU A 329 8.71 -7.08 -16.37
N ALA A 330 8.13 -7.05 -15.16
CA ALA A 330 7.71 -8.26 -14.50
C ALA A 330 6.70 -9.10 -15.31
N LEU A 331 5.75 -8.42 -15.94
CA LEU A 331 4.73 -9.08 -16.76
C LEU A 331 5.35 -9.65 -18.01
N THR A 332 6.30 -8.91 -18.58
CA THR A 332 6.97 -9.41 -19.78
C THR A 332 7.79 -10.66 -19.51
N VAL A 333 8.44 -10.74 -18.36
CA VAL A 333 9.16 -11.92 -17.99
C VAL A 333 8.25 -13.17 -17.94
N LEU A 334 7.05 -13.02 -17.41
CA LEU A 334 6.15 -14.14 -17.33
C LEU A 334 5.84 -14.71 -18.70
N LYS A 335 5.69 -13.81 -19.67
CA LYS A 335 5.41 -14.22 -21.03
C LYS A 335 6.67 -14.75 -21.72
N ASP A 336 7.75 -13.98 -21.65
CA ASP A 336 9.00 -14.39 -22.37
C ASP A 336 9.58 -15.72 -21.93
N GLU A 337 9.58 -15.97 -20.64
CA GLU A 337 10.07 -17.22 -20.08
C GLU A 337 9.01 -18.32 -20.04
N LYS A 338 7.83 -18.07 -20.61
CA LYS A 338 6.76 -19.05 -20.67
C LYS A 338 6.57 -19.75 -19.33
N LEU A 339 6.33 -18.96 -18.30
CA LEU A 339 6.23 -19.49 -16.94
C LEU A 339 4.92 -20.20 -16.61
N ALA A 340 3.84 -19.89 -17.32
CA ALA A 340 2.61 -20.67 -17.19
C ALA A 340 2.85 -22.12 -17.61
N ASP A 341 3.52 -22.31 -18.76
CA ASP A 341 3.88 -23.65 -19.23
C ASP A 341 4.79 -24.36 -18.24
N ARG A 342 5.76 -23.62 -17.73
N ARG A 342 5.78 -23.65 -17.69
CA ARG A 342 6.64 -24.11 -16.72
CA ARG A 342 6.65 -24.24 -16.68
C ARG A 342 5.87 -24.59 -15.49
C ARG A 342 5.87 -24.62 -15.43
N ALA A 343 4.99 -23.72 -14.98
CA ALA A 343 4.17 -24.04 -13.82
C ALA A 343 3.28 -25.26 -14.02
N GLU A 344 2.64 -25.32 -15.18
CA GLU A 344 1.76 -26.47 -15.52
C GLU A 344 2.57 -27.76 -15.50
N ARG A 345 3.70 -27.77 -16.20
CA ARG A 345 4.50 -28.98 -16.36
C ARG A 345 5.16 -29.45 -15.06
N LEU A 346 5.89 -28.54 -14.41
CA LEU A 346 6.54 -28.87 -13.13
C LEU A 346 5.53 -29.21 -12.05
N GLY A 347 4.43 -28.46 -11.97
CA GLY A 347 3.47 -28.71 -10.89
C GLY A 347 2.78 -30.07 -11.00
N ALA A 348 2.50 -30.49 -12.23
CA ALA A 348 1.90 -31.81 -12.42
C ALA A 348 2.89 -32.91 -12.01
N GLN A 349 4.16 -32.69 -12.31
CA GLN A 349 5.25 -33.57 -11.88
C GLN A 349 5.34 -33.60 -10.37
N PHE A 350 5.24 -32.44 -9.73
CA PHE A 350 5.31 -32.35 -8.27
C PHE A 350 4.21 -33.16 -7.59
N ARG A 351 2.96 -32.95 -8.01
CA ARG A 351 1.85 -33.64 -7.38
C ARG A 351 1.93 -35.15 -7.66
N ASP A 352 2.30 -35.53 -8.87
CA ASP A 352 2.43 -36.96 -9.24
C ASP A 352 3.48 -37.64 -8.38
N CYS A 353 4.67 -37.04 -8.24
CA CYS A 353 5.74 -37.63 -7.37
C CYS A 353 5.31 -37.72 -5.91
N LEU A 354 4.66 -36.67 -5.39
CA LEU A 354 4.24 -36.69 -3.97
C LEU A 354 3.21 -37.78 -3.72
N ARG A 355 2.22 -37.88 -4.58
CA ARG A 355 1.18 -38.86 -4.36
C ARG A 355 1.76 -40.27 -4.46
N ARG A 356 2.59 -40.49 -5.47
CA ARG A 356 3.16 -41.84 -5.70
C ARG A 356 4.10 -42.26 -4.57
N GLU A 357 4.81 -41.31 -3.96
CA GLU A 357 5.74 -41.61 -2.86
C GLU A 357 5.19 -41.43 -1.45
N LEU A 358 4.12 -40.66 -1.27
CA LEU A 358 3.63 -40.32 0.09
C LEU A 358 2.26 -40.90 0.43
N TYR A 359 1.34 -40.94 -0.53
CA TYR A 359 0.04 -41.55 -0.23
C TYR A 359 0.23 -43.06 -0.03
N GLY A 360 -0.39 -43.55 1.02
CA GLY A 360 -0.25 -44.98 1.37
C GLY A 360 0.87 -45.21 2.34
N LYS A 361 2.01 -44.51 2.15
CA LYS A 361 3.19 -44.63 3.00
C LYS A 361 3.18 -43.68 4.20
N VAL A 362 2.49 -42.54 4.09
CA VAL A 362 2.39 -41.58 5.23
C VAL A 362 0.93 -41.36 5.64
N PRO A 363 0.51 -41.97 6.76
CA PRO A 363 -0.94 -42.00 7.07
C PRO A 363 -1.58 -40.70 7.55
N TRP A 364 -0.76 -39.74 8.00
CA TRP A 364 -1.25 -38.49 8.55
C TRP A 364 -1.30 -37.40 7.46
N ILE A 365 -1.05 -37.76 6.20
CA ILE A 365 -1.29 -36.83 5.07
C ILE A 365 -2.73 -37.01 4.63
N LYS A 366 -3.52 -35.96 4.72
CA LYS A 366 -4.93 -36.01 4.34
C LYS A 366 -5.10 -35.81 2.85
N GLU A 367 -4.44 -34.81 2.28
CA GLU A 367 -4.60 -34.54 0.87
C GLU A 367 -3.39 -33.83 0.28
N ILE A 368 -3.08 -34.14 -0.97
CA ILE A 368 -2.08 -33.44 -1.79
C ILE A 368 -2.92 -32.78 -2.87
N ARG A 369 -2.83 -31.45 -2.99
CA ARG A 369 -3.73 -30.71 -3.88
C ARG A 369 -3.08 -29.47 -4.40
N GLY A 370 -3.61 -29.00 -5.50
CA GLY A 370 -3.16 -27.79 -6.09
C GLY A 370 -3.38 -27.72 -7.58
N ARG A 371 -3.01 -26.57 -8.15
CA ARG A 371 -2.91 -26.44 -9.58
C ARG A 371 -1.64 -25.72 -9.91
N GLY A 372 -1.02 -26.08 -11.03
CA GLY A 372 0.26 -25.49 -11.42
C GLY A 372 1.25 -25.65 -10.28
N LEU A 373 1.93 -24.57 -9.89
CA LEU A 373 2.88 -24.56 -8.77
C LEU A 373 2.27 -23.86 -7.54
N LEU A 374 0.95 -23.96 -7.41
CA LEU A 374 0.28 -23.58 -6.17
C LEU A 374 -0.19 -24.90 -5.56
N ASN A 375 0.63 -25.49 -4.66
CA ASN A 375 0.39 -26.81 -4.13
C ASN A 375 0.43 -26.84 -2.61
N ALA A 376 -0.33 -27.76 -2.05
CA ALA A 376 -0.38 -27.96 -0.62
C ALA A 376 -0.45 -29.40 -0.25
N VAL A 377 0.00 -29.68 0.97
CA VAL A 377 -0.20 -31.00 1.55
C VAL A 377 -0.83 -30.73 2.87
N GLU A 378 -2.10 -31.09 3.01
CA GLU A 378 -2.76 -31.01 4.27
C GLU A 378 -2.46 -32.23 5.14
N VAL A 379 -2.10 -31.98 6.39
CA VAL A 379 -1.79 -33.06 7.35
C VAL A 379 -2.87 -33.12 8.42
N ASP A 380 -2.99 -34.27 9.09
CA ASP A 380 -3.92 -34.43 10.20
C ASP A 380 -3.15 -33.96 11.41
N SER A 381 -3.52 -32.81 11.97
CA SER A 381 -2.78 -32.29 13.12
C SER A 381 -3.03 -33.08 14.41
N ASP A 382 -4.04 -33.95 14.46
CA ASP A 382 -4.21 -34.83 15.64
C ASP A 382 -3.24 -36.00 15.65
N ALA A 383 -2.75 -36.38 14.46
CA ALA A 383 -1.85 -37.53 14.29
C ALA A 383 -0.37 -37.15 14.18
N ILE A 384 -0.08 -35.89 13.87
CA ILE A 384 1.29 -35.37 13.76
C ILE A 384 1.35 -33.92 14.25
N ASP A 385 2.54 -33.46 14.59
CA ASP A 385 2.76 -32.05 14.86
C ASP A 385 3.18 -31.43 13.51
N PRO A 386 2.34 -30.55 12.94
CA PRO A 386 2.70 -29.91 11.65
C PRO A 386 4.07 -29.22 11.63
N ASN A 387 4.45 -28.58 12.73
CA ASN A 387 5.78 -27.95 12.81
C ASN A 387 6.98 -28.91 12.66
N ASP A 388 6.84 -30.17 13.10
CA ASP A 388 7.89 -31.16 12.84
C ASP A 388 8.16 -31.32 11.34
N VAL A 389 7.10 -31.18 10.53
CA VAL A 389 7.22 -31.26 9.09
C VAL A 389 7.97 -30.02 8.59
N VAL A 390 7.60 -28.86 9.12
CA VAL A 390 8.21 -27.57 8.73
C VAL A 390 9.71 -27.54 9.08
N MET A 391 10.06 -28.00 10.28
CA MET A 391 11.49 -28.07 10.69
C MET A 391 12.30 -29.07 9.88
N LYS A 392 11.71 -30.23 9.59
CA LYS A 392 12.40 -31.23 8.81
C LYS A 392 12.63 -30.70 7.39
N LEU A 393 11.62 -30.06 6.80
CA LEU A 393 11.78 -29.40 5.53
C LEU A 393 12.97 -28.45 5.51
N LYS A 394 13.06 -27.62 6.54
CA LYS A 394 14.16 -26.66 6.68
C LYS A 394 15.51 -27.38 6.85
N GLU A 395 15.54 -28.46 7.64
CA GLU A 395 16.74 -29.28 7.77
C GLU A 395 17.21 -29.73 6.41
N ASN A 396 16.25 -30.05 5.53
CA ASN A 396 16.54 -30.48 4.17
C ASN A 396 16.63 -29.39 3.09
N GLY A 397 16.69 -28.14 3.54
CA GLY A 397 16.96 -27.01 2.69
C GLY A 397 15.75 -26.43 1.97
N ILE A 398 14.55 -26.71 2.48
CA ILE A 398 13.28 -26.25 1.91
C ILE A 398 12.65 -25.29 2.91
N LEU A 399 12.45 -24.03 2.50
CA LEU A 399 11.78 -23.06 3.36
C LEU A 399 10.34 -22.92 2.97
N SER A 400 9.49 -23.05 3.97
CA SER A 400 8.05 -23.09 3.72
C SER A 400 7.34 -22.57 4.94
N LYS A 401 6.11 -22.09 4.77
CA LYS A 401 5.30 -21.68 5.90
C LYS A 401 3.91 -22.23 5.69
N PRO A 402 3.38 -22.97 6.65
CA PRO A 402 2.02 -23.44 6.47
C PRO A 402 0.98 -22.37 6.66
N THR A 403 -0.23 -22.68 6.20
CA THR A 403 -1.41 -21.95 6.58
C THR A 403 -2.38 -22.83 7.37
N ARG A 404 -3.14 -22.16 8.23
CA ARG A 404 -4.04 -22.80 9.20
C ARG A 404 -3.34 -23.96 9.91
N GLY A 405 -2.05 -23.80 10.18
CA GLY A 405 -1.26 -24.76 10.96
C GLY A 405 -0.91 -26.01 10.20
N ARG A 406 -1.95 -26.70 9.71
CA ARG A 406 -1.84 -28.02 9.12
C ARG A 406 -1.77 -28.09 7.58
N VAL A 407 -1.89 -26.95 6.88
CA VAL A 407 -1.75 -26.98 5.44
C VAL A 407 -0.35 -26.55 5.05
N MET A 408 0.50 -27.55 4.72
CA MET A 408 1.84 -27.28 4.23
C MET A 408 1.72 -26.68 2.82
N ARG A 409 2.51 -25.65 2.52
CA ARG A 409 2.42 -24.97 1.21
C ARG A 409 3.71 -25.10 0.43
N PHE A 410 3.60 -25.34 -0.86
CA PHE A 410 4.74 -25.46 -1.75
C PHE A 410 4.51 -24.54 -2.92
N ILE A 411 5.13 -23.36 -2.80
CA ILE A 411 4.89 -22.25 -3.71
C ILE A 411 6.27 -21.70 -4.09
N PRO A 412 6.98 -22.39 -4.98
CA PRO A 412 8.28 -21.88 -5.36
C PRO A 412 8.20 -20.87 -6.47
N PRO A 413 9.27 -20.09 -6.68
CA PRO A 413 9.28 -19.31 -7.89
C PRO A 413 9.11 -20.18 -9.12
N LEU A 414 8.40 -19.64 -10.11
CA LEU A 414 8.13 -20.37 -11.35
C LEU A 414 9.37 -20.60 -12.18
N VAL A 415 10.37 -19.73 -12.00
CA VAL A 415 11.67 -19.84 -12.66
C VAL A 415 12.56 -20.97 -12.13
N ILE A 416 12.13 -21.70 -11.12
CA ILE A 416 12.90 -22.82 -10.60
C ILE A 416 13.27 -23.75 -11.79
N THR A 417 14.53 -24.12 -11.88
CA THR A 417 14.98 -24.92 -13.05
C THR A 417 14.50 -26.39 -12.97
N ASP A 418 14.56 -27.10 -14.10
CA ASP A 418 14.22 -28.54 -14.10
C ASP A 418 15.06 -29.28 -13.08
N GLU A 419 16.37 -29.04 -13.12
CA GLU A 419 17.30 -29.63 -12.15
C GLU A 419 16.97 -29.25 -10.70
N GLU A 420 16.73 -27.96 -10.43
CA GLU A 420 16.39 -27.51 -9.07
C GLU A 420 15.05 -28.07 -8.57
N HIS A 421 14.06 -28.12 -9.46
CA HIS A 421 12.77 -28.68 -9.10
C HIS A 421 12.80 -30.17 -8.79
N ARG A 422 13.58 -30.93 -9.57
CA ARG A 422 13.75 -32.38 -9.31
C ARG A 422 14.41 -32.53 -7.95
N ASP A 423 15.47 -31.76 -7.71
CA ASP A 423 16.15 -31.73 -6.42
C ASP A 423 15.23 -31.42 -5.24
N ALA A 424 14.52 -30.30 -5.30
CA ALA A 424 13.59 -29.91 -4.25
C ALA A 424 12.46 -30.92 -4.01
N THR A 425 11.92 -31.49 -5.09
CA THR A 425 10.89 -32.52 -4.98
C THR A 425 11.40 -33.68 -4.13
N THR A 426 12.62 -34.14 -4.43
CA THR A 426 13.27 -35.20 -3.66
C THR A 426 13.46 -34.82 -2.20
N ARG A 427 13.93 -33.60 -1.97
CA ARG A 427 14.11 -33.13 -0.60
C ARG A 427 12.80 -33.08 0.17
N ILE A 428 11.73 -32.69 -0.51
CA ILE A 428 10.40 -32.59 0.10
C ILE A 428 9.86 -33.98 0.44
N ILE A 429 9.95 -34.90 -0.52
CA ILE A 429 9.53 -36.29 -0.26
C ILE A 429 10.33 -36.85 0.90
N LYS A 430 11.65 -36.62 0.88
CA LYS A 430 12.58 -37.14 1.91
C LYS A 430 12.13 -36.66 3.28
N SER A 431 11.71 -35.39 3.37
CA SER A 431 11.30 -34.79 4.63
C SER A 431 10.04 -35.40 5.17
N PHE A 432 9.05 -35.61 4.30
CA PHE A 432 7.80 -36.24 4.73
C PHE A 432 8.07 -37.68 5.22
N LEU A 433 8.87 -38.43 4.45
CA LEU A 433 9.15 -39.84 4.79
C LEU A 433 10.01 -39.97 6.04
N ALA A 434 10.93 -39.03 6.23
CA ALA A 434 11.74 -38.95 7.47
C ALA A 434 10.91 -38.56 8.70
N VAL A 435 9.86 -37.77 8.54
CA VAL A 435 8.96 -37.45 9.67
C VAL A 435 8.11 -38.68 10.04
N GLU A 436 7.67 -39.43 9.03
CA GLU A 436 6.94 -40.67 9.25
C GLU A 436 7.83 -41.74 9.88
N GLU A 437 9.08 -41.83 9.43
CA GLU A 437 10.05 -42.79 10.00
C GLU A 437 10.35 -42.42 11.47
N GLU A 438 10.38 -41.13 11.80
CA GLU A 438 10.44 -40.68 13.21
C GLU A 438 9.17 -41.03 13.97
N ARG A 439 8.03 -41.00 13.30
CA ARG A 439 6.82 -41.60 13.85
C ARG A 439 6.98 -43.13 13.76
N THR B 20 14.68 -0.96 -21.72
CA THR B 20 13.88 -1.94 -20.92
C THR B 20 12.47 -1.99 -21.48
N ASN B 21 11.63 -2.86 -20.95
CA ASN B 21 10.36 -3.12 -21.64
C ASN B 21 9.41 -1.96 -21.64
N ILE B 22 9.38 -1.17 -20.55
CA ILE B 22 8.55 0.02 -20.56
C ILE B 22 8.99 1.00 -21.64
N GLU B 23 10.29 1.17 -21.79
CA GLU B 23 10.83 2.10 -22.79
C GLU B 23 10.50 1.61 -24.20
N ALA B 24 10.75 0.32 -24.45
CA ALA B 24 10.49 -0.29 -25.78
C ALA B 24 9.02 -0.33 -26.16
N TYR B 25 8.15 -0.65 -25.20
CA TYR B 25 6.71 -0.62 -25.44
C TYR B 25 6.25 0.81 -25.74
N ARG B 26 6.70 1.78 -24.96
CA ARG B 26 6.34 3.19 -25.18
C ARG B 26 6.74 3.72 -26.57
N ASP B 27 7.96 3.41 -27.00
CA ASP B 27 8.44 3.83 -28.32
C ASP B 27 7.54 3.29 -29.39
N GLY B 28 7.15 2.03 -29.22
CA GLY B 28 6.26 1.36 -30.17
C GLY B 28 4.89 1.98 -30.31
N LEU B 29 4.41 2.63 -29.24
CA LEU B 29 3.13 3.37 -29.26
C LEU B 29 3.17 4.68 -30.05
N LYS B 30 4.37 5.15 -30.39
CA LYS B 30 4.55 6.39 -31.13
C LYS B 30 3.80 7.55 -30.47
N LEU B 31 4.02 7.68 -29.17
CA LEU B 31 3.51 8.80 -28.39
C LEU B 31 4.53 9.92 -28.49
N LYS B 32 4.26 10.86 -29.38
CA LYS B 32 5.16 11.95 -29.66
C LYS B 32 4.87 13.07 -28.67
N THR B 33 3.63 13.57 -28.71
CA THR B 33 3.26 14.84 -28.14
C THR B 33 2.59 14.68 -26.80
N GLU B 34 2.47 15.77 -26.06
CA GLU B 34 1.75 15.73 -24.78
C GLU B 34 0.31 15.20 -24.99
N GLU B 35 -0.36 15.63 -26.06
CA GLU B 35 -1.73 15.15 -26.37
C GLU B 35 -1.79 13.64 -26.57
N ASP B 36 -0.78 13.05 -27.22
CA ASP B 36 -0.76 11.60 -27.37
C ASP B 36 -0.79 10.93 -25.99
N PHE B 37 -0.02 11.45 -25.06
CA PHE B 37 -0.05 10.93 -23.68
C PHE B 37 -1.38 11.17 -22.95
N PHE B 38 -1.96 12.37 -23.09
CA PHE B 38 -3.22 12.67 -22.43
C PHE B 38 -4.31 11.72 -22.94
N ALA B 39 -4.29 11.43 -24.25
CA ALA B 39 -5.24 10.49 -24.86
C ALA B 39 -5.07 9.07 -24.32
N CYS B 40 -3.83 8.65 -24.13
CA CYS B 40 -3.52 7.33 -23.68
C CYS B 40 -4.02 7.15 -22.25
N ASP B 41 -3.71 8.13 -21.41
CA ASP B 41 -4.22 8.10 -20.04
C ASP B 41 -5.77 8.07 -20.01
N ARG B 42 -6.43 8.94 -20.81
CA ARG B 42 -7.90 8.94 -20.88
C ARG B 42 -8.50 7.60 -21.27
N GLN B 43 -7.84 6.83 -22.13
CA GLN B 43 -8.41 5.62 -22.65
C GLN B 43 -8.21 4.45 -21.68
N TYR B 44 -7.03 4.37 -21.04
CA TYR B 44 -6.63 3.12 -20.36
C TYR B 44 -6.52 3.22 -18.86
N VAL B 45 -6.43 4.43 -18.33
CA VAL B 45 -6.25 4.63 -16.86
C VAL B 45 -7.62 4.91 -16.27
N CYS B 46 -7.92 4.30 -15.14
CA CYS B 46 -9.16 4.63 -14.44
C CYS B 46 -9.19 6.15 -14.22
N GLN B 47 -10.34 6.78 -14.43
CA GLN B 47 -10.39 8.25 -14.51
C GLN B 47 -10.79 8.91 -13.21
N ASN B 48 -10.13 8.47 -12.12
CA ASN B 48 -10.39 9.05 -10.82
C ASN B 48 -9.53 10.22 -10.43
N TYR B 49 -8.75 10.81 -11.36
CA TYR B 49 -8.07 12.09 -11.16
C TYR B 49 -8.43 13.07 -12.27
N ALA B 50 -8.29 14.34 -11.95
CA ALA B 50 -8.32 15.49 -12.91
C ALA B 50 -6.91 16.12 -12.98
N PRO B 51 -5.97 15.50 -13.65
CA PRO B 51 -4.56 16.00 -13.53
C PRO B 51 -4.28 17.34 -14.21
N VAL B 52 -3.24 18.00 -13.74
CA VAL B 52 -2.71 19.20 -14.46
C VAL B 52 -2.18 18.68 -15.78
N PRO B 53 -2.40 19.44 -16.89
CA PRO B 53 -1.95 18.97 -18.20
C PRO B 53 -0.47 19.19 -18.44
N VAL B 54 0.34 18.32 -17.89
CA VAL B 54 1.78 18.28 -18.06
C VAL B 54 2.19 16.80 -18.12
N VAL B 55 3.21 16.46 -18.88
CA VAL B 55 3.70 15.08 -19.00
C VAL B 55 5.17 15.05 -18.56
N ILE B 56 5.35 14.83 -17.28
CA ILE B 56 6.68 14.81 -16.70
C ILE B 56 7.45 13.55 -17.07
N SER B 57 8.71 13.72 -17.47
CA SER B 57 9.56 12.58 -17.84
C SER B 57 10.76 12.40 -16.91
N LYS B 58 11.17 13.44 -16.19
CA LYS B 58 12.38 13.39 -15.36
C LYS B 58 12.23 14.32 -14.20
N GLY B 59 12.72 13.87 -13.03
CA GLY B 59 12.80 14.71 -11.86
C GLY B 59 14.21 14.69 -11.27
N LYS B 60 14.68 15.83 -10.79
CA LYS B 60 15.95 15.88 -10.04
C LYS B 60 15.86 17.01 -9.03
N GLY B 61 15.94 16.69 -7.75
CA GLY B 61 15.88 17.71 -6.76
C GLY B 61 14.53 18.41 -6.71
N ALA B 62 14.55 19.76 -6.80
CA ALA B 62 13.32 20.55 -6.82
C ALA B 62 12.71 20.70 -8.22
N ARG B 63 13.40 20.18 -9.22
CA ARG B 63 13.04 20.39 -10.62
C ARG B 63 12.45 19.16 -11.26
N VAL B 64 11.52 19.40 -12.20
CA VAL B 64 11.08 18.34 -13.12
C VAL B 64 11.09 18.88 -14.53
N TRP B 65 11.15 17.96 -15.47
CA TRP B 65 11.09 18.29 -16.89
C TRP B 65 10.03 17.48 -17.57
N ASP B 66 9.35 18.10 -18.53
CA ASP B 66 8.39 17.41 -19.35
C ASP B 66 9.05 16.77 -20.58
N ILE B 67 8.27 16.05 -21.35
CA ILE B 67 8.75 15.25 -22.47
C ILE B 67 9.40 16.08 -23.54
N ASN B 68 9.09 17.38 -23.55
CA ASN B 68 9.70 18.35 -24.51
C ASN B 68 10.91 19.10 -23.98
N GLY B 69 11.33 18.82 -22.77
CA GLY B 69 12.50 19.43 -22.17
C GLY B 69 12.21 20.67 -21.37
N ASN B 70 10.94 21.08 -21.27
CA ASN B 70 10.58 22.25 -20.50
C ASN B 70 10.76 21.94 -19.01
N GLU B 71 11.29 22.89 -18.26
CA GLU B 71 11.64 22.72 -16.84
C GLU B 71 10.65 23.47 -15.95
N TYR B 72 10.35 22.86 -14.81
CA TYR B 72 9.45 23.42 -13.83
C TYR B 72 9.99 23.18 -12.46
N TYR B 73 9.61 24.03 -11.53
CA TYR B 73 9.74 23.71 -10.10
C TYR B 73 8.51 22.87 -9.71
N ASP B 74 8.75 21.77 -8.99
CA ASP B 74 7.67 20.92 -8.48
C ASP B 74 7.25 21.46 -7.10
N PHE B 75 6.09 22.12 -7.05
CA PHE B 75 5.56 22.69 -5.80
C PHE B 75 4.44 21.84 -5.21
N LEU B 76 4.36 20.60 -5.62
CA LEU B 76 3.51 19.62 -4.92
C LEU B 76 4.35 18.57 -4.23
N ALA B 77 5.41 18.10 -4.86
CA ALA B 77 6.37 17.18 -4.25
C ALA B 77 5.66 15.99 -3.64
N GLY B 78 4.71 15.40 -4.34
CA GLY B 78 4.04 14.21 -3.75
C GLY B 78 3.17 14.55 -2.58
N VAL B 79 2.76 15.79 -2.45
CA VAL B 79 2.14 16.30 -1.21
C VAL B 79 3.03 15.96 0.01
N SER B 80 4.30 16.31 -0.10
CA SER B 80 5.36 16.09 0.86
C SER B 80 5.84 14.66 0.94
N SER B 81 5.84 13.92 -0.17
CA SER B 81 6.55 12.69 -0.30
C SER B 81 7.96 12.78 -0.85
N LEU B 82 8.27 13.92 -1.47
CA LEU B 82 9.56 14.15 -2.08
C LEU B 82 10.33 15.26 -1.38
N SER B 83 10.36 15.26 -0.07
CA SER B 83 11.05 16.29 0.67
C SER B 83 12.55 16.29 0.40
N GLN B 84 13.11 15.11 0.11
CA GLN B 84 14.52 14.94 -0.23
C GLN B 84 14.84 15.28 -1.69
N GLY B 85 13.82 15.69 -2.42
CA GLY B 85 13.94 15.93 -3.84
C GLY B 85 13.71 14.67 -4.65
N HIS B 86 13.41 14.89 -5.93
CA HIS B 86 13.37 13.81 -6.87
C HIS B 86 14.72 13.16 -7.09
N CYS B 87 14.71 11.86 -7.14
CA CYS B 87 15.87 11.06 -7.47
C CYS B 87 17.09 11.45 -6.64
N HIS B 88 16.92 11.47 -5.30
CA HIS B 88 18.08 11.84 -4.47
C HIS B 88 19.18 10.78 -4.66
N PRO B 89 20.38 11.19 -5.05
CA PRO B 89 21.40 10.17 -5.37
C PRO B 89 21.69 9.13 -4.28
N ARG B 90 21.72 9.54 -3.02
CA ARG B 90 21.98 8.57 -1.97
C ARG B 90 20.86 7.57 -1.85
N VAL B 91 19.61 8.05 -1.97
CA VAL B 91 18.47 7.15 -1.80
C VAL B 91 18.43 6.16 -2.98
N ILE B 92 18.67 6.67 -4.20
CA ILE B 92 18.69 5.80 -5.35
C ILE B 92 19.83 4.79 -5.27
N ALA B 93 20.97 5.20 -4.74
CA ALA B 93 22.11 4.29 -4.50
C ALA B 93 21.74 3.17 -3.47
N ALA B 94 21.05 3.57 -2.41
CA ALA B 94 20.60 2.59 -1.40
C ALA B 94 19.60 1.61 -2.00
N LEU B 95 18.69 2.11 -2.82
CA LEU B 95 17.71 1.26 -3.51
C LEU B 95 18.42 0.24 -4.39
N CYS B 96 19.31 0.74 -5.23
CA CYS B 96 20.00 -0.15 -6.19
C CYS B 96 20.85 -1.22 -5.51
N ARG B 97 21.52 -0.85 -4.41
CA ARG B 97 22.38 -1.79 -3.69
C ARG B 97 21.56 -2.92 -3.05
N GLN B 98 20.47 -2.55 -2.40
CA GLN B 98 19.65 -3.57 -1.73
C GLN B 98 18.88 -4.39 -2.78
N ALA B 99 18.45 -3.76 -3.87
CA ALA B 99 17.65 -4.44 -4.86
C ALA B 99 18.40 -5.54 -5.53
N GLU B 100 19.71 -5.38 -5.64
CA GLU B 100 20.57 -6.46 -6.22
C GLU B 100 20.74 -7.67 -5.28
N ARG B 101 20.42 -7.48 -4.00
CA ARG B 101 20.64 -8.48 -2.97
C ARG B 101 19.40 -9.24 -2.56
N LEU B 102 18.32 -8.51 -2.26
CA LEU B 102 17.14 -9.12 -1.67
C LEU B 102 16.06 -8.06 -1.54
N THR B 103 14.89 -8.32 -2.11
CA THR B 103 13.77 -7.35 -2.02
C THR B 103 12.60 -7.77 -1.13
N LEU B 104 12.33 -9.04 -1.01
CA LEU B 104 11.12 -9.53 -0.33
C LEU B 104 11.35 -10.90 0.26
N THR B 105 11.04 -11.06 1.54
CA THR B 105 11.05 -12.36 2.14
C THR B 105 9.69 -12.75 2.64
N LEU B 106 8.82 -11.75 2.91
CA LEU B 106 7.69 -11.83 3.86
C LEU B 106 8.20 -11.81 5.29
N ARG B 107 7.33 -11.32 6.16
CA ARG B 107 7.63 -11.40 7.61
C ARG B 107 7.48 -12.77 8.17
N ALA B 108 7.02 -13.71 7.37
CA ALA B 108 7.08 -15.13 7.69
C ALA B 108 8.52 -15.66 7.84
N PHE B 109 9.49 -14.99 7.21
CA PHE B 109 10.90 -15.39 7.32
C PHE B 109 11.64 -14.20 7.88
N GLY B 110 12.75 -14.42 8.59
CA GLY B 110 13.57 -13.31 9.01
C GLY B 110 14.47 -12.86 7.89
N ASN B 111 14.99 -11.64 8.03
CA ASN B 111 16.00 -11.17 7.12
C ASN B 111 16.94 -10.28 7.87
N ASP B 112 17.99 -9.83 7.18
CA ASP B 112 19.03 -9.06 7.85
C ASP B 112 18.85 -7.51 7.78
N VAL B 113 17.65 -7.06 7.39
CA VAL B 113 17.36 -5.64 7.22
C VAL B 113 16.20 -5.11 8.08
N THR B 114 15.12 -5.88 8.17
CA THR B 114 13.87 -5.32 8.73
C THR B 114 14.04 -4.93 10.21
N GLY B 115 14.61 -5.83 11.04
CA GLY B 115 14.85 -5.51 12.43
C GLY B 115 15.74 -4.30 12.64
N PRO B 116 16.93 -4.27 12.02
CA PRO B 116 17.77 -3.11 12.13
C PRO B 116 17.07 -1.82 11.70
N ALA B 117 16.28 -1.88 10.61
CA ALA B 117 15.60 -0.65 10.15
C ALA B 117 14.56 -0.19 11.16
N CYS B 118 13.89 -1.15 11.79
CA CYS B 118 12.91 -0.79 12.80
C CYS B 118 13.60 -0.25 14.04
N ARG B 119 14.75 -0.81 14.41
CA ARG B 119 15.48 -0.24 15.55
C ARG B 119 15.90 1.17 15.23
N PHE B 120 16.40 1.40 14.02
CA PHE B 120 16.78 2.74 13.62
C PHE B 120 15.67 3.75 13.83
N MET B 121 14.47 3.40 13.35
CA MET B 121 13.28 4.25 13.49
C MET B 121 12.85 4.42 14.93
N ALA B 122 12.83 3.32 15.66
CA ALA B 122 12.48 3.35 17.06
C ALA B 122 13.33 4.33 17.84
N GLU B 123 14.64 4.27 17.58
CA GLU B 123 15.58 5.21 18.23
C GLU B 123 15.41 6.65 17.78
N MET B 124 15.18 6.87 16.47
CA MET B 124 15.09 8.23 15.91
C MET B 124 13.85 8.94 16.41
N PHE B 125 12.76 8.19 16.62
CA PHE B 125 11.46 8.79 16.99
C PHE B 125 11.08 8.56 18.44
N GLY B 126 11.80 7.67 19.14
CA GLY B 126 11.58 7.41 20.58
C GLY B 126 10.40 6.53 20.92
N TYR B 127 10.24 5.42 20.16
CA TYR B 127 9.17 4.50 20.40
C TYR B 127 9.67 3.10 20.67
N ASP B 128 8.90 2.31 21.38
CA ASP B 128 9.30 0.93 21.67
C ASP B 128 9.19 -0.01 20.47
N ARG B 129 8.15 0.14 19.67
CA ARG B 129 7.83 -0.82 18.64
C ARG B 129 7.43 -0.10 17.36
N VAL B 130 7.81 -0.69 16.23
CA VAL B 130 7.55 -0.13 14.91
C VAL B 130 6.86 -1.15 14.05
N LEU B 131 5.70 -0.78 13.52
CA LEU B 131 4.98 -1.58 12.54
C LEU B 131 5.18 -0.88 11.18
N LEU B 132 5.69 -1.65 10.22
CA LEU B 132 5.88 -1.11 8.87
C LEU B 132 4.77 -1.64 7.93
N MET B 133 4.11 -0.72 7.25
CA MET B 133 3.08 -1.03 6.28
C MET B 133 3.49 -0.33 4.99
N ASN B 134 2.61 -0.25 4.01
CA ASN B 134 3.04 0.27 2.71
C ASN B 134 2.50 1.64 2.47
N THR B 135 1.25 1.92 2.74
CA THR B 135 0.63 3.21 2.39
C THR B 135 0.20 3.96 3.62
N GLY B 136 -0.07 5.26 3.45
CA GLY B 136 -0.63 6.05 4.57
C GLY B 136 -1.95 5.51 4.99
N ALA B 137 -2.83 5.14 4.08
CA ALA B 137 -4.12 4.53 4.48
C ALA B 137 -3.93 3.29 5.32
N GLU B 138 -2.94 2.44 4.97
CA GLU B 138 -2.74 1.22 5.71
C GLU B 138 -2.22 1.55 7.11
N ALA B 139 -1.40 2.57 7.25
CA ALA B 139 -0.93 3.03 8.58
C ALA B 139 -2.11 3.45 9.41
N GLY B 140 -3.02 4.20 8.86
CA GLY B 140 -4.18 4.63 9.58
C GLY B 140 -5.07 3.48 10.00
N GLU B 141 -5.33 2.57 9.06
CA GLU B 141 -6.14 1.37 9.39
C GLU B 141 -5.48 0.59 10.48
N SER B 142 -4.17 0.46 10.41
CA SER B 142 -3.46 -0.31 11.45
C SER B 142 -3.57 0.34 12.82
N ALA B 143 -3.44 1.63 12.86
CA ALA B 143 -3.50 2.41 14.14
C ALA B 143 -4.88 2.29 14.72
N LEU B 144 -5.91 2.31 13.88
CA LEU B 144 -7.32 2.17 14.36
C LEU B 144 -7.56 0.79 14.91
N LYS B 145 -7.03 -0.24 14.23
CA LYS B 145 -7.09 -1.62 14.74
C LYS B 145 -6.41 -1.72 16.12
N ILE B 146 -5.22 -1.18 16.20
CA ILE B 146 -4.41 -1.24 17.45
C ILE B 146 -5.24 -0.53 18.53
N ALA B 147 -5.77 0.64 18.26
CA ALA B 147 -6.48 1.43 19.30
C ALA B 147 -7.72 0.68 19.76
N ARG B 148 -8.42 0.06 18.85
CA ARG B 148 -9.62 -0.73 19.26
C ARG B 148 -9.26 -1.91 20.05
N LYS B 149 -8.26 -2.67 19.62
CA LYS B 149 -7.98 -3.94 20.30
C LYS B 149 -7.41 -3.61 21.68
N TRP B 150 -6.59 -2.60 21.79
CA TRP B 150 -6.11 -2.09 23.12
C TRP B 150 -7.27 -1.62 23.98
N ALA B 151 -8.24 -0.90 23.45
CA ALA B 151 -9.40 -0.48 24.25
C ALA B 151 -10.17 -1.68 24.79
N TYR B 152 -10.32 -2.71 23.97
CA TYR B 152 -11.05 -3.94 24.42
C TYR B 152 -10.28 -4.75 25.38
N GLU B 153 -8.96 -4.83 25.26
CA GLU B 153 -8.14 -5.80 26.02
C GLU B 153 -7.44 -5.19 27.21
N VAL B 154 -7.09 -3.90 27.13
CA VAL B 154 -6.40 -3.19 28.21
C VAL B 154 -7.35 -2.28 28.98
N LYS B 155 -8.08 -1.38 28.31
CA LYS B 155 -9.13 -0.57 28.94
C LYS B 155 -10.36 -1.36 29.34
N GLU B 156 -10.58 -2.52 28.71
CA GLU B 156 -11.70 -3.43 29.01
C GLU B 156 -13.07 -2.78 28.77
N ILE B 157 -13.17 -1.97 27.69
CA ILE B 157 -14.45 -1.42 27.31
C ILE B 157 -15.30 -2.54 26.69
N PRO B 158 -16.61 -2.37 26.64
CA PRO B 158 -17.49 -3.44 26.17
C PRO B 158 -17.25 -3.84 24.72
N PRO B 159 -17.36 -5.13 24.42
CA PRO B 159 -17.16 -5.60 23.06
C PRO B 159 -17.92 -4.79 22.01
N ASP B 160 -17.24 -4.41 20.92
CA ASP B 160 -17.81 -3.63 19.85
C ASP B 160 -18.19 -2.18 20.15
N SER B 161 -17.91 -1.69 21.35
CA SER B 161 -18.32 -0.36 21.75
C SER B 161 -17.26 0.74 21.48
N ALA B 162 -16.07 0.38 21.01
CA ALA B 162 -14.98 1.38 20.93
C ALA B 162 -15.35 2.51 19.99
N LYS B 163 -15.07 3.72 20.40
CA LYS B 163 -15.24 4.89 19.56
C LYS B 163 -13.88 5.55 19.32
N VAL B 164 -13.74 6.12 18.14
CA VAL B 164 -12.59 6.95 17.81
C VAL B 164 -13.07 8.34 17.37
N ILE B 165 -12.53 9.37 17.99
CA ILE B 165 -12.79 10.75 17.66
C ILE B 165 -11.85 11.18 16.52
N LEU B 166 -12.44 11.75 15.47
CA LEU B 166 -11.67 12.40 14.38
C LEU B 166 -12.25 13.78 14.14
N CYS B 167 -11.57 14.57 13.27
CA CYS B 167 -11.98 15.95 12.99
C CYS B 167 -12.62 16.13 11.62
N ASN B 168 -13.62 17.01 11.57
CA ASN B 168 -14.18 17.38 10.28
C ASN B 168 -13.08 17.83 9.34
N ASN B 169 -13.22 17.42 8.07
CA ASN B 169 -12.27 17.70 7.00
C ASN B 169 -10.97 16.95 7.08
N ASN B 170 -10.89 15.96 7.95
CA ASN B 170 -9.73 15.08 8.02
C ASN B 170 -9.57 14.37 6.72
N TYR B 171 -8.33 13.97 6.48
CA TYR B 171 -8.03 13.04 5.39
C TYR B 171 -6.96 12.09 5.84
N TRP B 172 -7.24 10.81 5.73
CA TRP B 172 -6.25 9.77 6.03
C TRP B 172 -6.18 8.65 5.05
N GLY B 173 -6.95 8.75 4.01
CA GLY B 173 -6.87 7.72 2.96
C GLY B 173 -8.21 7.41 2.35
N ARG B 174 -8.22 6.31 1.58
CA ARG B 174 -9.35 5.98 0.72
C ARG B 174 -9.92 4.60 0.91
N THR B 175 -9.56 3.92 2.00
CA THR B 175 -10.24 2.70 2.29
C THR B 175 -11.68 2.97 2.68
N ILE B 176 -12.49 1.94 2.75
CA ILE B 176 -13.88 2.09 3.20
C ILE B 176 -13.97 2.66 4.63
N THR B 177 -13.12 2.18 5.53
CA THR B 177 -13.11 2.76 6.84
C THR B 177 -12.70 4.22 6.86
N ALA B 178 -11.80 4.64 6.01
CA ALA B 178 -11.48 6.03 5.89
C ALA B 178 -12.66 6.81 5.35
N CYS B 179 -13.30 6.31 4.32
CA CYS B 179 -14.52 7.00 3.79
C CYS B 179 -15.59 7.12 4.87
N SER B 180 -15.65 6.13 5.75
CA SER B 180 -16.63 6.03 6.82
C SER B 180 -16.40 7.06 7.92
N SER B 181 -15.21 7.63 7.96
CA SER B 181 -14.84 8.62 8.98
C SER B 181 -14.51 9.99 8.35
N SER B 182 -14.90 10.20 7.11
CA SER B 182 -14.69 11.44 6.34
C SER B 182 -15.93 12.33 6.45
N THR B 183 -15.76 13.63 6.28
CA THR B 183 -16.89 14.55 6.13
C THR B 183 -16.87 15.19 4.77
N THR B 184 -16.09 14.63 3.83
CA THR B 184 -15.96 15.18 2.49
C THR B 184 -16.85 14.39 1.57
N PHE B 185 -17.86 15.04 1.00
CA PHE B 185 -18.88 14.34 0.23
C PHE B 185 -18.30 13.39 -0.82
N ASP B 186 -17.39 13.85 -1.67
CA ASP B 186 -16.86 12.95 -2.72
C ASP B 186 -16.08 11.76 -2.18
N CYS B 187 -15.56 11.89 -0.97
N CYS B 187 -15.56 11.88 -0.97
CA CYS B 187 -14.83 10.81 -0.35
CA CYS B 187 -14.85 10.76 -0.37
C CYS B 187 -15.73 9.70 0.15
C CYS B 187 -15.78 9.66 0.08
N TYR B 188 -16.94 9.99 0.62
CA TYR B 188 -17.84 8.96 1.12
C TYR B 188 -19.00 8.59 0.25
N ASN B 189 -19.46 9.51 -0.60
CA ASN B 189 -20.75 9.35 -1.21
C ASN B 189 -20.82 8.05 -2.03
N ASN B 190 -21.89 7.29 -1.76
CA ASN B 190 -22.19 6.07 -2.49
C ASN B 190 -21.12 4.97 -2.26
N PHE B 191 -20.40 5.03 -1.14
CA PHE B 191 -19.44 3.95 -0.81
C PHE B 191 -19.83 3.15 0.44
N GLY B 192 -21.02 3.45 0.97
CA GLY B 192 -21.52 2.75 2.15
C GLY B 192 -22.15 1.43 1.89
N PRO B 193 -22.60 0.70 2.92
CA PRO B 193 -22.72 1.15 4.30
C PRO B 193 -21.38 1.25 5.00
N PHE B 194 -21.36 2.15 5.97
CA PHE B 194 -20.10 2.59 6.58
C PHE B 194 -19.71 1.90 7.88
N THR B 195 -18.40 1.80 8.11
CA THR B 195 -17.90 1.30 9.36
C THR B 195 -18.35 2.21 10.49
N PRO B 196 -19.01 1.63 11.53
CA PRO B 196 -19.42 2.44 12.69
C PRO B 196 -18.27 2.75 13.59
N GLY B 197 -18.55 3.58 14.58
CA GLY B 197 -17.63 3.81 15.70
C GLY B 197 -16.79 5.07 15.62
N PHE B 198 -17.24 6.07 14.86
CA PHE B 198 -16.51 7.31 14.77
C PHE B 198 -17.33 8.50 15.27
N GLU B 199 -16.67 9.44 15.94
CA GLU B 199 -17.30 10.65 16.45
C GLU B 199 -16.53 11.78 15.77
N LEU B 200 -17.21 12.55 14.95
CA LEU B 200 -16.57 13.65 14.25
C LEU B 200 -16.80 14.97 14.99
N ILE B 201 -15.72 15.71 15.22
CA ILE B 201 -15.81 17.01 15.89
C ILE B 201 -15.11 18.07 15.03
N ASP B 202 -15.37 19.34 15.30
CA ASP B 202 -14.61 20.35 14.57
C ASP B 202 -13.12 20.24 14.87
N TYR B 203 -12.31 20.52 13.85
CA TYR B 203 -10.86 20.69 14.03
C TYR B 203 -10.59 21.95 14.83
N ASP B 204 -9.47 22.00 15.52
CA ASP B 204 -9.00 23.20 16.19
C ASP B 204 -10.05 23.71 17.17
N ASP B 205 -10.61 22.79 17.95
CA ASP B 205 -11.70 23.10 18.89
C ASP B 205 -11.54 22.20 20.10
N VAL B 206 -10.83 22.74 21.08
CA VAL B 206 -10.54 21.98 22.30
C VAL B 206 -11.80 21.69 23.10
N GLY B 207 -12.70 22.66 23.19
CA GLY B 207 -13.99 22.48 23.85
C GLY B 207 -14.84 21.33 23.32
N ALA B 208 -14.90 21.22 21.99
CA ALA B 208 -15.57 20.08 21.33
C ALA B 208 -14.90 18.74 21.64
N LEU B 209 -13.56 18.74 21.73
CA LEU B 209 -12.85 17.55 22.10
C LEU B 209 -13.13 17.13 23.55
N GLU B 210 -13.04 18.10 24.45
CA GLU B 210 -13.30 17.81 25.87
C GLU B 210 -14.68 17.22 26.06
N GLU B 211 -15.66 17.78 25.36
CA GLU B 211 -17.01 17.20 25.41
C GLU B 211 -17.08 15.77 24.88
N ALA B 212 -16.41 15.49 23.76
CA ALA B 212 -16.42 14.14 23.20
C ALA B 212 -15.71 13.13 24.08
N LEU B 213 -14.74 13.60 24.86
CA LEU B 213 -13.92 12.73 25.73
C LEU B 213 -14.64 12.35 26.99
N LYS B 214 -15.83 12.89 27.18
CA LYS B 214 -16.64 12.45 28.32
C LYS B 214 -17.12 11.02 28.15
N ASP B 215 -17.22 10.53 26.94
CA ASP B 215 -17.66 9.16 26.68
C ASP B 215 -16.55 8.14 27.00
N PRO B 216 -16.74 7.26 28.02
CA PRO B 216 -15.67 6.32 28.34
C PRO B 216 -15.42 5.24 27.34
N ASN B 217 -16.27 5.14 26.31
CA ASN B 217 -16.05 4.13 25.26
C ASN B 217 -15.03 4.63 24.22
N VAL B 218 -14.54 5.85 24.35
CA VAL B 218 -13.55 6.39 23.40
C VAL B 218 -12.21 5.70 23.62
N ALA B 219 -11.67 5.14 22.54
CA ALA B 219 -10.37 4.53 22.52
C ALA B 219 -9.25 5.52 22.20
N ALA B 220 -9.51 6.43 21.25
CA ALA B 220 -8.45 7.28 20.65
C ALA B 220 -9.03 8.53 20.09
N PHE B 221 -8.20 9.56 19.97
CA PHE B 221 -8.46 10.78 19.19
C PHE B 221 -7.40 10.77 18.12
N PHE B 222 -7.85 10.82 16.85
CA PHE B 222 -6.99 10.69 15.71
C PHE B 222 -6.98 12.03 14.97
N VAL B 223 -5.80 12.64 14.88
CA VAL B 223 -5.71 14.04 14.43
C VAL B 223 -4.43 14.35 13.65
N GLU B 224 -4.54 15.33 12.74
CA GLU B 224 -3.40 15.89 12.00
C GLU B 224 -2.90 17.16 12.69
N PRO B 225 -1.58 17.37 12.82
CA PRO B 225 -1.11 18.60 13.52
C PRO B 225 -1.43 19.84 12.69
N ILE B 226 -1.54 19.65 11.38
CA ILE B 226 -2.05 20.65 10.43
C ILE B 226 -2.86 19.82 9.45
N GLN B 227 -4.13 20.17 9.22
CA GLN B 227 -4.93 19.43 8.24
C GLN B 227 -4.38 19.66 6.87
N GLY B 228 -4.00 18.60 6.19
CA GLY B 228 -3.39 18.73 4.89
C GLY B 228 -4.34 18.89 3.72
N GLU B 229 -4.96 17.80 3.31
CA GLU B 229 -5.91 17.82 2.22
C GLU B 229 -7.12 18.69 2.55
N GLY B 230 -7.41 18.86 3.84
CA GLY B 230 -8.46 19.74 4.28
C GLY B 230 -8.20 21.22 4.03
N GLY B 231 -6.99 21.56 3.62
CA GLY B 231 -6.64 22.93 3.22
C GLY B 231 -5.47 23.61 3.92
N VAL B 232 -4.52 22.85 4.48
CA VAL B 232 -3.43 23.41 5.25
C VAL B 232 -4.03 24.27 6.35
N ASN B 233 -4.84 23.62 7.22
CA ASN B 233 -5.50 24.30 8.30
C ASN B 233 -4.62 24.23 9.52
N VAL B 234 -4.05 25.38 9.91
CA VAL B 234 -3.09 25.44 10.96
C VAL B 234 -3.89 25.82 12.19
N PRO B 235 -3.82 24.99 13.25
CA PRO B 235 -4.64 25.26 14.41
C PRO B 235 -4.05 26.37 15.31
N LYS B 236 -4.87 26.83 16.26
CA LYS B 236 -4.46 27.87 17.20
C LYS B 236 -3.32 27.40 18.08
N PRO B 237 -2.56 28.36 18.66
CA PRO B 237 -1.55 28.02 19.62
C PRO B 237 -2.05 27.12 20.75
N GLY B 238 -1.32 26.05 20.99
CA GLY B 238 -1.61 25.14 22.08
C GLY B 238 -2.51 23.99 21.78
N TYR B 239 -3.05 23.91 20.56
CA TYR B 239 -4.10 22.94 20.26
C TYR B 239 -3.68 21.52 20.58
N LEU B 240 -2.57 21.07 20.00
CA LEU B 240 -2.19 19.71 20.18
C LEU B 240 -1.77 19.39 21.61
N LYS B 241 -1.07 20.35 22.24
CA LYS B 241 -0.67 20.21 23.66
C LYS B 241 -1.89 20.03 24.55
N ARG B 242 -2.86 20.89 24.33
CA ARG B 242 -4.12 20.81 25.09
C ARG B 242 -4.85 19.50 24.84
N ALA B 243 -4.90 19.09 23.58
CA ALA B 243 -5.58 17.85 23.25
C ALA B 243 -4.91 16.66 23.91
N HIS B 244 -3.59 16.65 23.96
CA HIS B 244 -2.94 15.48 24.54
C HIS B 244 -3.22 15.37 26.03
N GLU B 245 -3.19 16.49 26.73
CA GLU B 245 -3.52 16.51 28.17
C GLU B 245 -4.94 16.01 28.44
N LEU B 246 -5.90 16.42 27.59
CA LEU B 246 -7.29 15.95 27.76
C LEU B 246 -7.41 14.46 27.55
N CYS B 247 -6.75 13.97 26.48
CA CYS B 247 -6.74 12.54 26.21
C CYS B 247 -6.09 11.75 27.31
N ARG B 248 -4.95 12.25 27.79
CA ARG B 248 -4.20 11.51 28.82
C ARG B 248 -5.02 11.39 30.08
N SER B 249 -5.75 12.44 30.43
CA SER B 249 -6.56 12.43 31.62
C SER B 249 -7.71 11.42 31.60
N LYS B 250 -8.18 11.05 30.39
CA LYS B 250 -9.21 10.03 30.19
C LYS B 250 -8.69 8.65 29.73
N ASN B 251 -7.40 8.45 29.74
CA ASN B 251 -6.75 7.24 29.23
C ASN B 251 -7.20 6.92 27.83
N VAL B 252 -7.13 7.95 27.00
CA VAL B 252 -7.43 7.86 25.53
C VAL B 252 -6.17 8.08 24.76
N LEU B 253 -5.93 7.23 23.73
CA LEU B 253 -4.73 7.38 22.96
C LEU B 253 -4.82 8.55 22.02
N LEU B 254 -3.74 9.30 21.92
CA LEU B 254 -3.61 10.37 20.90
C LEU B 254 -2.85 9.75 19.74
N ILE B 255 -3.54 9.59 18.61
CA ILE B 255 -2.97 9.09 17.35
C ILE B 255 -2.72 10.32 16.50
N VAL B 256 -1.46 10.61 16.20
CA VAL B 256 -1.10 11.77 15.39
C VAL B 256 -0.62 11.32 14.05
N ASP B 257 -1.33 11.79 13.03
CA ASP B 257 -1.00 11.51 11.64
C ASP B 257 0.00 12.55 11.14
N GLU B 258 1.24 12.11 11.03
CA GLU B 258 2.35 12.93 10.50
C GLU B 258 2.79 12.48 9.13
N ILE B 259 1.88 11.80 8.42
CA ILE B 259 2.21 11.33 7.05
C ILE B 259 2.52 12.48 6.12
N GLN B 260 1.75 13.56 6.24
CA GLN B 260 1.97 14.72 5.40
C GLN B 260 2.82 15.79 6.15
N THR B 261 2.64 15.95 7.47
CA THR B 261 3.30 17.04 8.21
C THR B 261 4.64 16.71 8.77
N GLY B 262 4.98 15.43 8.84
CA GLY B 262 6.15 14.95 9.48
C GLY B 262 7.46 15.13 8.71
N LEU B 263 8.55 14.68 9.30
CA LEU B 263 9.80 14.52 8.59
C LEU B 263 10.24 15.85 7.99
N CYS B 264 10.28 16.87 8.85
CA CYS B 264 10.96 18.14 8.56
C CYS B 264 10.13 19.15 7.77
N ARG B 265 9.03 18.73 7.16
CA ARG B 265 8.25 19.62 6.29
C ARG B 265 7.82 20.94 6.95
N THR B 266 7.50 20.91 8.24
CA THR B 266 7.01 22.09 8.95
C THR B 266 8.14 22.84 9.74
N GLY B 267 9.39 22.43 9.51
CA GLY B 267 10.52 23.05 10.22
C GLY B 267 10.99 22.35 11.47
N ARG B 268 10.33 21.25 11.83
CA ARG B 268 10.69 20.35 12.92
C ARG B 268 10.61 18.91 12.47
N LEU B 269 11.27 18.01 13.17
CA LEU B 269 11.28 16.60 12.77
C LEU B 269 9.86 16.05 12.66
N LEU B 270 9.04 16.29 13.67
CA LEU B 270 7.62 16.05 13.62
C LEU B 270 6.89 17.36 13.85
N ALA B 271 5.77 17.59 13.15
CA ALA B 271 4.95 18.78 13.42
C ALA B 271 4.48 18.83 14.87
N ALA B 272 4.33 17.67 15.48
CA ALA B 272 3.91 17.59 16.88
C ALA B 272 4.94 18.22 17.83
N ASP B 273 6.18 18.32 17.37
CA ASP B 273 7.25 18.92 18.21
C ASP B 273 6.99 20.41 18.47
N HIS B 274 6.24 21.07 17.61
CA HIS B 274 5.84 22.48 17.82
C HIS B 274 5.14 22.65 19.17
N ASP B 275 4.46 21.60 19.62
CA ASP B 275 3.74 21.58 20.90
C ASP B 275 4.38 20.69 21.97
N GLU B 276 5.58 20.21 21.71
CA GLU B 276 6.26 19.27 22.58
C GLU B 276 5.45 18.01 22.87
N VAL B 277 4.68 17.58 21.87
CA VAL B 277 3.80 16.43 22.02
C VAL B 277 4.49 15.20 21.47
N HIS B 278 4.57 14.14 22.26
CA HIS B 278 5.04 12.83 21.80
C HIS B 278 3.78 11.97 21.59
N PRO B 279 3.35 11.76 20.31
CA PRO B 279 2.15 11.04 20.10
C PRO B 279 2.12 9.65 20.79
N ASP B 280 0.95 9.23 21.26
CA ASP B 280 0.83 7.85 21.77
C ASP B 280 0.99 6.84 20.64
N ILE B 281 0.45 7.17 19.49
CA ILE B 281 0.72 6.40 18.27
C ILE B 281 1.08 7.41 17.19
N LEU B 282 2.23 7.20 16.58
CA LEU B 282 2.71 8.09 15.48
C LEU B 282 2.49 7.37 14.17
N LEU B 283 1.99 8.11 13.17
CA LEU B 283 2.01 7.63 11.80
C LEU B 283 2.97 8.44 10.93
N LEU B 284 3.78 7.71 10.15
CA LEU B 284 4.64 8.30 9.13
C LEU B 284 4.42 7.64 7.79
N GLY B 285 4.79 8.33 6.68
CA GLY B 285 4.67 7.73 5.35
C GLY B 285 5.33 8.69 4.42
N LYS B 286 4.87 8.71 3.16
CA LYS B 286 5.32 9.72 2.20
C LYS B 286 6.85 9.86 2.12
N SER B 287 7.43 10.94 2.66
CA SER B 287 8.87 11.15 2.63
C SER B 287 9.73 10.18 3.43
N LEU B 288 9.08 9.29 4.19
CA LEU B 288 9.76 8.19 4.80
C LEU B 288 10.58 7.38 3.82
N SER B 289 10.18 7.38 2.54
CA SER B 289 10.97 6.72 1.48
C SER B 289 11.56 7.67 0.45
N ALA B 290 11.47 8.94 0.69
CA ALA B 290 11.87 9.97 -0.30
C ALA B 290 11.09 9.78 -1.59
N GLY B 291 9.89 9.24 -1.49
CA GLY B 291 9.04 9.14 -2.65
C GLY B 291 9.46 8.05 -3.63
N VAL B 292 10.34 7.15 -3.21
CA VAL B 292 10.90 6.12 -4.10
C VAL B 292 10.06 4.86 -4.12
N VAL B 293 9.61 4.38 -2.99
CA VAL B 293 8.75 3.23 -2.90
C VAL B 293 7.74 3.44 -1.75
N PRO B 294 6.58 2.79 -1.81
CA PRO B 294 5.60 3.02 -0.75
C PRO B 294 6.00 2.34 0.57
N ILE B 295 6.16 3.10 1.65
CA ILE B 295 6.41 2.53 2.99
C ILE B 295 5.86 3.51 4.00
N SER B 296 5.13 2.97 4.98
CA SER B 296 4.55 3.80 6.03
C SER B 296 4.89 3.10 7.35
N ALA B 297 4.71 3.83 8.45
CA ALA B 297 5.02 3.30 9.80
C ALA B 297 4.03 3.73 10.81
N VAL B 298 3.79 2.81 11.74
CA VAL B 298 2.99 3.05 12.94
C VAL B 298 3.91 2.76 14.09
N MET B 299 4.05 3.71 15.03
CA MET B 299 4.96 3.53 16.17
C MET B 299 4.21 3.79 17.43
N GLY B 300 4.58 3.04 18.47
CA GLY B 300 3.91 3.25 19.79
C GLY B 300 4.65 2.51 20.87
N ARG B 301 4.23 2.77 22.10
CA ARG B 301 4.76 2.03 23.24
C ARG B 301 4.34 0.57 23.28
N ALA B 302 5.16 -0.21 23.95
CA ALA B 302 5.03 -1.64 23.94
C ALA B 302 3.64 -2.13 24.36
N ASP B 303 3.14 -1.57 25.44
CA ASP B 303 1.90 -2.09 26.01
C ASP B 303 0.69 -1.75 25.15
N VAL B 304 0.86 -0.88 24.15
CA VAL B 304 -0.18 -0.61 23.14
C VAL B 304 0.08 -1.48 21.93
N MET B 305 1.29 -1.39 21.37
CA MET B 305 1.59 -2.11 20.12
C MET B 305 1.53 -3.61 20.24
N ASP B 306 1.79 -4.15 21.42
CA ASP B 306 1.89 -5.60 21.59
C ASP B 306 0.52 -6.29 21.59
N VAL B 307 -0.57 -5.51 21.55
CA VAL B 307 -1.90 -6.10 21.31
C VAL B 307 -1.95 -6.80 19.94
N LEU B 308 -1.07 -6.42 19.01
CA LEU B 308 -1.08 -7.08 17.74
C LEU B 308 -0.24 -8.36 17.77
N LYS B 309 -0.87 -9.41 18.27
CA LYS B 309 -0.23 -10.69 18.43
C LYS B 309 -0.07 -11.43 17.12
N PRO B 310 0.78 -12.48 17.08
CA PRO B 310 0.99 -13.19 15.83
C PRO B 310 -0.30 -13.65 15.17
N GLY B 311 -0.41 -13.34 13.90
CA GLY B 311 -1.57 -13.67 13.12
C GLY B 311 -2.73 -12.72 13.16
N THR B 312 -2.67 -11.66 13.99
CA THR B 312 -3.77 -10.75 14.10
C THR B 312 -3.63 -9.57 13.15
N HIS B 313 -2.52 -9.52 12.41
CA HIS B 313 -2.32 -8.41 11.46
C HIS B 313 -1.22 -8.82 10.58
N GLY B 314 -1.11 -8.21 9.39
CA GLY B 314 -0.15 -8.63 8.41
C GLY B 314 -0.22 -7.76 7.16
N SER B 315 0.70 -8.05 6.27
CA SER B 315 0.80 -7.33 4.98
C SER B 315 1.86 -8.02 4.14
N THR B 316 1.61 -8.31 2.84
CA THR B 316 2.60 -9.02 2.07
C THR B 316 3.92 -8.21 2.05
N PHE B 317 3.84 -6.96 1.63
CA PHE B 317 5.01 -6.14 1.42
C PHE B 317 5.44 -5.30 2.61
N GLY B 318 4.63 -5.28 3.68
CA GLY B 318 5.01 -4.42 4.80
C GLY B 318 6.36 -4.88 5.40
N GLY B 319 7.29 -3.94 5.59
CA GLY B 319 8.61 -4.24 6.13
C GLY B 319 9.52 -5.03 5.21
N ASN B 320 9.23 -5.00 3.90
CA ASN B 320 10.15 -5.63 2.98
C ASN B 320 11.52 -5.00 3.01
N PRO B 321 12.57 -5.79 2.77
CA PRO B 321 13.93 -5.24 2.98
C PRO B 321 14.31 -4.13 2.01
N LEU B 322 13.75 -4.11 0.81
CA LEU B 322 14.10 -3.02 -0.12
C LEU B 322 13.62 -1.67 0.43
N ALA B 323 12.35 -1.64 0.84
CA ALA B 323 11.80 -0.42 1.39
C ALA B 323 12.52 0.00 2.66
N CYS B 324 12.84 -0.97 3.51
CA CYS B 324 13.56 -0.64 4.73
C CYS B 324 14.92 0.02 4.46
N ALA B 325 15.69 -0.54 3.53
CA ALA B 325 16.97 0.06 3.14
C ALA B 325 16.81 1.51 2.62
N VAL B 326 15.78 1.71 1.79
CA VAL B 326 15.48 3.04 1.26
C VAL B 326 15.09 4.01 2.37
N ALA B 327 14.24 3.55 3.30
CA ALA B 327 13.77 4.41 4.38
C ALA B 327 14.88 4.85 5.30
N VAL B 328 15.81 3.93 5.62
CA VAL B 328 16.90 4.36 6.49
C VAL B 328 17.74 5.45 5.80
N GLU B 329 17.98 5.31 4.50
CA GLU B 329 18.74 6.34 3.77
C GLU B 329 17.93 7.65 3.73
N ALA B 330 16.64 7.56 3.39
CA ALA B 330 15.78 8.74 3.30
C ALA B 330 15.75 9.53 4.61
N LEU B 331 15.62 8.82 5.73
CA LEU B 331 15.66 9.43 7.03
C LEU B 331 16.96 10.07 7.38
N THR B 332 18.04 9.42 7.02
CA THR B 332 19.35 9.95 7.26
C THR B 332 19.59 11.23 6.47
N VAL B 333 19.10 11.30 5.25
CA VAL B 333 19.26 12.52 4.43
C VAL B 333 18.61 13.73 5.11
N LEU B 334 17.44 13.51 5.71
CA LEU B 334 16.76 14.63 6.37
C LEU B 334 17.63 15.28 7.44
N LYS B 335 18.25 14.43 8.24
CA LYS B 335 19.14 14.90 9.26
C LYS B 335 20.46 15.50 8.70
N ASP B 336 21.12 14.76 7.83
CA ASP B 336 22.42 15.20 7.31
C ASP B 336 22.36 16.52 6.61
N GLU B 337 21.31 16.74 5.83
CA GLU B 337 21.15 17.96 5.06
C GLU B 337 20.43 19.06 5.81
N LYS B 338 20.15 18.84 7.11
CA LYS B 338 19.51 19.86 7.95
C LYS B 338 18.26 20.45 7.28
N LEU B 339 17.40 19.56 6.80
CA LEU B 339 16.23 19.99 6.03
C LEU B 339 15.14 20.64 6.86
N ALA B 340 15.05 20.32 8.16
CA ALA B 340 14.12 21.06 9.02
C ALA B 340 14.49 22.53 9.10
N ASP B 341 15.78 22.81 9.24
CA ASP B 341 16.24 24.18 9.36
C ASP B 341 16.00 24.88 8.05
N ARG B 342 16.21 24.19 6.94
CA ARG B 342 15.91 24.77 5.63
C ARG B 342 14.43 25.12 5.47
N ALA B 343 13.59 24.15 5.85
CA ALA B 343 12.15 24.38 5.77
C ALA B 343 11.71 25.58 6.61
N GLU B 344 12.22 25.66 7.84
CA GLU B 344 11.86 26.74 8.74
C GLU B 344 12.22 28.08 8.11
N ARG B 345 13.45 28.17 7.65
N ARG B 345 13.46 28.16 7.67
CA ARG B 345 13.96 29.45 7.15
CA ARG B 345 14.07 29.40 7.11
C ARG B 345 13.33 29.89 5.83
C ARG B 345 13.39 29.88 5.83
N LEU B 346 13.29 29.01 4.85
CA LEU B 346 12.71 29.35 3.54
C LEU B 346 11.21 29.55 3.65
N GLY B 347 10.55 28.80 4.52
CA GLY B 347 9.10 28.93 4.58
C GLY B 347 8.67 30.25 5.20
N ALA B 348 9.44 30.69 6.17
CA ALA B 348 9.15 31.98 6.79
C ALA B 348 9.33 33.09 5.76
N GLN B 349 10.37 32.96 4.95
CA GLN B 349 10.62 33.92 3.90
C GLN B 349 9.51 33.88 2.86
N PHE B 350 9.03 32.69 2.51
CA PHE B 350 7.95 32.56 1.55
C PHE B 350 6.69 33.30 1.99
N ARG B 351 6.25 33.01 3.20
CA ARG B 351 5.02 33.63 3.71
C ARG B 351 5.20 35.15 3.83
N ASP B 352 6.38 35.55 4.29
CA ASP B 352 6.69 36.99 4.42
C ASP B 352 6.63 37.69 3.10
N CYS B 353 7.24 37.13 2.06
N CYS B 353 7.22 37.11 2.06
CA CYS B 353 7.21 37.73 0.71
CA CYS B 353 7.21 37.77 0.75
C CYS B 353 5.80 37.79 0.14
C CYS B 353 5.81 37.78 0.11
N LEU B 354 5.08 36.67 0.19
CA LEU B 354 3.76 36.62 -0.42
C LEU B 354 2.83 37.60 0.28
N ARG B 355 2.90 37.69 1.62
CA ARG B 355 2.02 38.61 2.36
C ARG B 355 2.35 40.04 2.03
N ARG B 356 3.64 40.34 1.92
CA ARG B 356 4.05 41.70 1.57
C ARG B 356 3.59 42.10 0.18
N GLU B 357 3.85 41.25 -0.80
CA GLU B 357 3.59 41.57 -2.19
C GLU B 357 2.17 41.33 -2.69
N LEU B 358 1.36 40.54 -1.97
CA LEU B 358 0.03 40.15 -2.49
C LEU B 358 -1.16 40.62 -1.67
N TYR B 359 -1.04 40.65 -0.35
CA TYR B 359 -2.15 41.11 0.49
C TYR B 359 -2.49 42.56 0.12
N GLY B 360 -3.79 42.85 -0.03
CA GLY B 360 -4.23 44.17 -0.49
C GLY B 360 -4.20 44.32 -2.00
N LYS B 361 -3.01 44.19 -2.60
CA LYS B 361 -2.86 44.23 -4.08
C LYS B 361 -3.76 43.23 -4.80
N VAL B 362 -3.97 42.06 -4.18
CA VAL B 362 -4.82 41.04 -4.73
C VAL B 362 -5.98 40.81 -3.75
N PRO B 363 -7.17 41.37 -4.05
CA PRO B 363 -8.26 41.31 -3.07
C PRO B 363 -8.88 39.92 -2.93
N TRP B 364 -8.74 39.07 -3.95
CA TRP B 364 -9.32 37.73 -3.92
C TRP B 364 -8.48 36.67 -3.20
N ILE B 365 -7.34 37.08 -2.64
N ILE B 365 -7.35 37.07 -2.61
CA ILE B 365 -6.62 36.28 -1.64
CA ILE B 365 -6.61 36.21 -1.69
C ILE B 365 -7.31 36.44 -0.30
C ILE B 365 -7.15 36.40 -0.26
N LYS B 366 -7.69 35.32 0.31
CA LYS B 366 -8.30 35.32 1.64
C LYS B 366 -7.26 35.15 2.71
N GLU B 367 -6.31 34.23 2.50
CA GLU B 367 -5.32 33.98 3.52
C GLU B 367 -4.13 33.28 2.92
N ILE B 368 -2.96 33.67 3.40
CA ILE B 368 -1.69 33.03 3.19
C ILE B 368 -1.31 32.39 4.54
N ARG B 369 -1.14 31.07 4.57
CA ARG B 369 -0.94 30.37 5.84
C ARG B 369 -0.02 29.17 5.64
N GLY B 370 0.49 28.66 6.75
CA GLY B 370 1.35 27.49 6.73
C GLY B 370 2.40 27.47 7.82
N ARG B 371 3.17 26.40 7.85
CA ARG B 371 4.32 26.27 8.71
C ARG B 371 5.43 25.61 7.95
N GLY B 372 6.66 26.06 8.16
CA GLY B 372 7.76 25.50 7.38
C GLY B 372 7.49 25.69 5.90
N LEU B 373 7.74 24.64 5.11
CA LEU B 373 7.45 24.66 3.66
C LEU B 373 6.15 23.89 3.33
N LEU B 374 5.20 23.91 4.28
CA LEU B 374 3.81 23.49 4.01
C LEU B 374 2.95 24.72 4.03
N ASN B 375 2.77 25.36 2.87
CA ASN B 375 2.08 26.62 2.72
C ASN B 375 0.94 26.58 1.70
N ALA B 376 0.00 27.47 1.93
CA ALA B 376 -1.20 27.57 1.12
C ALA B 376 -1.61 29.01 0.94
N VAL B 377 -2.26 29.24 -0.19
CA VAL B 377 -2.92 30.50 -0.45
C VAL B 377 -4.37 30.19 -0.76
N GLU B 378 -5.25 30.60 0.11
CA GLU B 378 -6.69 30.41 -0.08
C GLU B 378 -7.24 31.58 -0.86
N VAL B 379 -7.96 31.27 -1.94
CA VAL B 379 -8.56 32.30 -2.78
C VAL B 379 -10.07 32.25 -2.70
N ASP B 380 -10.68 33.40 -2.99
CA ASP B 380 -12.13 33.51 -3.08
C ASP B 380 -12.52 33.01 -4.46
N SER B 381 -13.08 31.80 -4.52
CA SER B 381 -13.46 31.22 -5.83
C SER B 381 -14.72 31.83 -6.46
N ASP B 382 -15.37 32.74 -5.74
CA ASP B 382 -16.43 33.56 -6.37
C ASP B 382 -15.87 34.75 -7.12
N ALA B 383 -14.69 35.21 -6.72
CA ALA B 383 -14.06 36.41 -7.28
C ALA B 383 -13.10 36.07 -8.42
N ILE B 384 -12.65 34.83 -8.49
CA ILE B 384 -11.63 34.38 -9.46
C ILE B 384 -11.84 32.92 -9.79
N ASP B 385 -11.42 32.46 -10.97
CA ASP B 385 -11.38 31.02 -11.31
C ASP B 385 -10.04 30.48 -10.79
N PRO B 386 -10.07 29.64 -9.75
CA PRO B 386 -8.82 29.11 -9.26
C PRO B 386 -7.96 28.41 -10.30
N ASN B 387 -8.59 27.78 -11.30
CA ASN B 387 -7.81 27.09 -12.33
C ASN B 387 -6.97 28.05 -13.18
N ASP B 388 -7.40 29.29 -13.27
CA ASP B 388 -6.59 30.35 -13.94
C ASP B 388 -5.26 30.58 -13.20
N VAL B 389 -5.28 30.46 -11.87
CA VAL B 389 -4.10 30.67 -11.07
C VAL B 389 -3.17 29.48 -11.32
N VAL B 390 -3.73 28.27 -11.33
CA VAL B 390 -2.98 27.05 -11.62
C VAL B 390 -2.29 27.08 -12.99
N MET B 391 -3.03 27.42 -14.02
CA MET B 391 -2.44 27.51 -15.36
C MET B 391 -1.44 28.68 -15.53
N LYS B 392 -1.64 29.80 -14.84
CA LYS B 392 -0.66 30.89 -14.90
C LYS B 392 0.65 30.50 -14.21
N LEU B 393 0.51 29.80 -13.06
CA LEU B 393 1.68 29.30 -12.39
C LEU B 393 2.48 28.41 -13.28
N LYS B 394 1.80 27.53 -13.98
CA LYS B 394 2.47 26.61 -14.89
C LYS B 394 3.15 27.36 -16.03
N GLU B 395 2.44 28.34 -16.58
CA GLU B 395 3.07 29.18 -17.63
C GLU B 395 4.37 29.78 -17.12
N ASN B 396 4.40 30.15 -15.84
CA ASN B 396 5.58 30.70 -15.19
C ASN B 396 6.51 29.66 -14.52
N GLY B 397 6.38 28.39 -14.87
CA GLY B 397 7.38 27.41 -14.49
C GLY B 397 7.14 26.75 -13.13
N ILE B 398 5.93 26.85 -12.60
CA ILE B 398 5.60 26.36 -11.27
C ILE B 398 4.47 25.32 -11.44
N LEU B 399 4.71 24.08 -10.99
CA LEU B 399 3.67 23.04 -11.01
C LEU B 399 3.08 22.88 -9.62
N SER B 400 1.76 23.00 -9.55
CA SER B 400 1.08 22.83 -8.27
C SER B 400 -0.31 22.35 -8.52
N LYS B 401 -0.92 21.78 -7.49
CA LYS B 401 -2.30 21.32 -7.60
C LYS B 401 -3.02 21.77 -6.32
N PRO B 402 -4.16 22.46 -6.46
CA PRO B 402 -4.89 22.88 -5.26
C PRO B 402 -5.59 21.73 -4.57
N THR B 403 -6.01 22.00 -3.33
CA THR B 403 -6.99 21.12 -2.66
C THR B 403 -8.28 21.94 -2.42
N ARG B 404 -9.43 21.24 -2.34
CA ARG B 404 -10.76 21.83 -2.20
C ARG B 404 -10.98 22.98 -3.19
N GLY B 405 -10.53 22.78 -4.44
CA GLY B 405 -10.66 23.77 -5.53
C GLY B 405 -9.87 25.05 -5.33
N ARG B 406 -10.13 25.72 -4.21
CA ARG B 406 -9.61 27.07 -3.95
C ARG B 406 -8.40 27.21 -3.08
N VAL B 407 -7.87 26.11 -2.51
CA VAL B 407 -6.68 26.23 -1.65
C VAL B 407 -5.44 25.89 -2.47
N MET B 408 -4.79 26.93 -2.96
CA MET B 408 -3.54 26.74 -3.69
C MET B 408 -2.46 26.22 -2.74
N ARG B 409 -1.68 25.24 -3.16
CA ARG B 409 -0.65 24.65 -2.29
C ARG B 409 0.72 24.83 -2.82
N PHE B 410 1.65 25.07 -1.90
CA PHE B 410 3.04 25.35 -2.24
C PHE B 410 3.87 24.48 -1.31
N ILE B 411 4.30 23.34 -1.85
CA ILE B 411 4.94 22.27 -1.10
C ILE B 411 6.13 21.80 -1.97
N PRO B 412 7.22 22.57 -1.97
CA PRO B 412 8.39 22.14 -2.71
C PRO B 412 9.24 21.15 -1.97
N PRO B 413 10.09 20.40 -2.67
CA PRO B 413 11.11 19.66 -1.96
C PRO B 413 11.92 20.55 -1.01
N LEU B 414 12.27 20.05 0.16
CA LEU B 414 13.01 20.80 1.16
C LEU B 414 14.44 21.11 0.74
N VAL B 415 14.98 20.29 -0.17
CA VAL B 415 16.29 20.48 -0.76
C VAL B 415 16.34 21.63 -1.73
N ILE B 416 15.18 22.26 -2.01
CA ILE B 416 15.21 23.43 -2.93
C ILE B 416 16.30 24.41 -2.45
N THR B 417 17.10 24.92 -3.38
CA THR B 417 18.20 25.79 -2.97
C THR B 417 17.70 27.20 -2.67
N ASP B 418 18.54 28.01 -2.03
CA ASP B 418 18.15 29.39 -1.78
C ASP B 418 17.80 30.09 -3.09
N GLU B 419 18.67 29.95 -4.07
CA GLU B 419 18.44 30.60 -5.34
C GLU B 419 17.22 30.08 -6.09
N GLU B 420 17.04 28.76 -6.08
CA GLU B 420 15.80 28.18 -6.66
C GLU B 420 14.56 28.70 -5.96
N HIS B 421 14.61 28.78 -4.64
CA HIS B 421 13.45 29.22 -3.87
C HIS B 421 13.12 30.69 -4.11
N ARG B 422 14.15 31.51 -4.33
CA ARG B 422 13.96 32.95 -4.60
C ARG B 422 13.33 33.10 -5.98
N ASP B 423 13.88 32.36 -6.96
CA ASP B 423 13.37 32.35 -8.32
C ASP B 423 11.92 31.89 -8.33
N ALA B 424 11.64 30.77 -7.65
CA ALA B 424 10.31 30.22 -7.61
C ALA B 424 9.32 31.20 -6.95
N THR B 425 9.73 31.78 -5.85
CA THR B 425 8.90 32.75 -5.13
C THR B 425 8.51 33.93 -6.02
N THR B 426 9.47 34.38 -6.81
CA THR B 426 9.24 35.48 -7.76
C THR B 426 8.24 35.10 -8.83
N ARG B 427 8.42 33.91 -9.38
CA ARG B 427 7.46 33.36 -10.36
C ARG B 427 6.05 33.19 -9.81
N ILE B 428 5.95 32.80 -8.55
CA ILE B 428 4.67 32.60 -7.90
C ILE B 428 3.95 33.95 -7.71
N ILE B 429 4.63 34.91 -7.13
CA ILE B 429 4.05 36.26 -6.93
C ILE B 429 3.64 36.85 -8.28
N LYS B 430 4.52 36.72 -9.26
CA LYS B 430 4.24 37.23 -10.62
C LYS B 430 2.95 36.61 -11.17
N SER B 431 2.69 35.35 -10.86
CA SER B 431 1.53 34.68 -11.41
C SER B 431 0.25 35.19 -10.79
N PHE B 432 0.22 35.29 -9.45
CA PHE B 432 -0.96 35.89 -8.79
C PHE B 432 -1.23 37.30 -9.31
N LEU B 433 -0.18 38.09 -9.49
CA LEU B 433 -0.35 39.45 -10.04
C LEU B 433 -0.87 39.47 -11.49
N ALA B 434 -0.43 38.51 -12.30
CA ALA B 434 -0.90 38.42 -13.69
C ALA B 434 -2.36 37.99 -13.83
N VAL B 435 -2.81 37.11 -12.95
CA VAL B 435 -4.21 36.76 -12.92
C VAL B 435 -5.07 37.96 -12.50
N GLU B 436 -4.61 38.75 -11.52
CA GLU B 436 -5.36 39.92 -11.06
C GLU B 436 -5.43 40.96 -12.20
N GLU B 437 -4.29 41.17 -12.86
CA GLU B 437 -4.26 42.11 -13.98
C GLU B 437 -5.30 41.72 -15.04
N GLU B 438 -5.44 40.42 -15.29
CA GLU B 438 -6.41 39.91 -16.26
C GLU B 438 -7.87 40.11 -15.79
N ARG B 439 -8.12 39.91 -14.49
CA ARG B 439 -9.43 40.25 -13.90
C ARG B 439 -9.79 41.73 -14.16
N LYS B 440 -8.85 42.64 -13.95
CA LYS B 440 -9.01 44.07 -14.34
C LYS B 440 -9.00 44.23 -15.86
S SO4 C . -8.93 -24.15 11.50
O1 SO4 C . -8.30 -24.72 12.70
O2 SO4 C . -9.37 -25.26 10.61
O3 SO4 C . -10.10 -23.34 11.88
O4 SO4 C . -7.97 -23.29 10.77
S SO4 D . -22.42 -27.52 -5.65
O1 SO4 D . -22.22 -28.57 -4.61
O2 SO4 D . -22.51 -28.20 -6.96
O3 SO4 D . -23.65 -26.75 -5.35
O4 SO4 D . -21.24 -26.61 -5.63
S SO4 E . -3.11 -33.28 -11.30
O1 SO4 E . -2.92 -33.25 -9.83
O2 SO4 E . -3.33 -34.67 -11.74
O3 SO4 E . -4.30 -32.48 -11.67
O4 SO4 E . -1.92 -32.74 -12.00
C1 BTB F . -17.69 -13.45 12.54
O1 BTB F . -18.01 -13.41 13.94
C2 BTB F . -18.40 -12.35 11.74
C3 BTB F . -19.89 -12.26 12.13
O3 BTB F . -20.57 -13.45 11.74
C4 BTB F . -18.27 -12.79 10.28
O4 BTB F . -19.07 -12.01 9.37
N BTB F . -17.59 -11.07 11.90
C5 BTB F . -17.93 -9.92 11.04
C7 BTB F . -17.29 -10.55 13.27
C8 BTB F . -18.47 -10.24 14.21
O8 BTB F . -19.61 -9.68 13.54
N1 PXG G . -5.84 -11.30 -1.79
C2 PXG G . -5.28 -12.51 -1.73
C2A PXG G . -5.89 -13.68 -2.49
C3 PXG G . -4.10 -12.74 -0.89
O3 PXG G . -3.55 -13.97 -0.76
C5 PXG G . -4.25 -10.30 -0.35
C6 PXG G . -5.36 -10.21 -1.16
C5A PXG G . -3.76 -9.06 0.35
OP4 PXG G . -2.58 -8.56 -0.29
P PXG G . -1.60 -7.61 0.57
OP1 PXG G . -0.70 -7.04 -0.51
OP2 PXG G . -2.48 -6.59 1.22
OP3 PXG G . -0.92 -8.51 1.62
C4 PXG G . -3.52 -11.58 -0.21
C4A PXG G . -2.28 -11.67 0.64
C7 PXG G . 0.74 -11.85 4.93
C8 PXG G . 0.06 -12.83 4.02
O2 PXG G . 0.42 -10.65 4.93
C9 PXG G . -0.52 -12.43 2.82
C10 PXG G . -1.14 -13.37 2.00
C11 PXG G . -1.25 -14.70 2.41
C12 PXG G . -0.67 -15.07 3.62
C13 PXG G . -0.04 -14.16 4.43
O8 PXG G . 1.62 -12.27 5.72
N9 PXG G . -1.79 -13.03 0.84
S SO4 H . -15.48 22.46 -0.26
O1 SO4 H . -16.83 21.91 0.00
O2 SO4 H . -14.50 21.36 -0.18
O3 SO4 H . -15.15 23.51 0.75
O4 SO4 H . -15.42 23.08 -1.61
S SO4 I . -10.74 26.34 21.64
O1 SO4 I . -11.73 25.54 22.43
O2 SO4 I . -9.97 25.46 20.74
O3 SO4 I . -9.85 27.00 22.61
O4 SO4 I . -11.46 27.38 20.88
S SO4 J . 4.83 33.19 10.05
O1 SO4 J . 6.02 32.34 10.33
O2 SO4 J . 3.60 32.67 10.69
O3 SO4 J . 4.60 33.27 8.59
O4 SO4 J . 5.10 34.54 10.58
S SO4 K . -22.14 4.70 15.20
O1 SO4 K . -20.86 4.32 15.81
O2 SO4 K . -23.12 3.57 15.29
O3 SO4 K . -21.95 5.03 13.77
O4 SO4 K . -22.70 5.87 15.93
S SO4 L . 22.30 -2.32 22.97
O1 SO4 L . 22.88 -3.15 24.07
O2 SO4 L . 21.59 -3.23 22.04
O3 SO4 L . 21.36 -1.32 23.54
O4 SO4 L . 23.38 -1.59 22.29
C TRS M . 28.53 -11.91 1.79
C1 TRS M . 29.75 -11.61 0.92
C2 TRS M . 27.34 -12.34 0.92
C3 TRS M . 28.17 -10.71 2.66
N TRS M . 28.85 -13.04 2.70
O2 TRS M . 27.73 -13.38 0.03
O3 TRS M . 27.82 -9.59 1.84
C TRS N . -21.47 10.42 7.18
C1 TRS N . -20.73 9.12 7.44
C2 TRS N . -22.18 10.42 5.83
C3 TRS N . -20.50 11.60 7.32
N TRS N . -22.53 10.56 8.22
O1 TRS N . -19.90 8.75 6.32
O2 TRS N . -23.01 9.26 5.70
O3 TRS N . -21.05 12.82 6.80
N1 PXG O . -2.68 10.82 6.00
C2 PXG O . -2.49 12.08 5.55
C2A PXG O . -2.35 13.22 6.56
C3 PXG O . -2.43 12.32 4.12
O3 PXG O . -2.27 13.58 3.65
C5 PXG O . -2.80 9.84 3.82
C6 PXG O . -2.84 9.73 5.23
C5A PXG O . -2.97 8.62 2.94
OP4 PXG O . -1.70 8.23 2.44
P PXG O . -1.78 7.25 1.15
OP1 PXG O . -2.16 8.19 0.00
OP2 PXG O . -2.81 6.20 1.41
OP3 PXG O . -0.37 6.85 1.14
C4 PXG O . -2.56 11.15 3.23
C4A PXG O . -2.48 11.24 1.70
C7 PXG O . -3.85 11.45 -3.33
C8 PXG O . -3.57 12.41 -2.22
O2 PXG O . -3.90 11.85 -4.51
C9 PXG O . -3.01 11.99 -1.01
C10 PXG O . -2.77 12.92 0.00
C11 PXG O . -3.18 14.24 -0.14
C12 PXG O . -3.75 14.66 -1.34
C13 PXG O . -3.97 13.74 -2.35
O8 PXG O . -4.07 10.27 -3.05
N9 PXG O . -2.29 12.59 1.23
#